data_9R8Y
#
_entry.id   9R8Y
#
_cell.length_a   151.921
_cell.length_b   151.921
_cell.length_c   173.682
_cell.angle_alpha   90.00
_cell.angle_beta   90.00
_cell.angle_gamma   120.00
#
_symmetry.space_group_name_H-M   'H 3'
#
loop_
_entity.id
_entity.type
_entity.pdbx_description
1 polymer 'Carbonic anhydrase 9'
2 non-polymer 'ZINC ION'
3 non-polymer ~{N}-butyl-4-cyclohexylsulfanyl-3-sulfamoyl-benzamide
4 water water
#
_entity_poly.entity_id   1
_entity_poly.type   'polypeptide(L)'
_entity_poly.pdbx_seq_one_letter_code
;GDQSHWRYGGDPPWPRVSPACAGRFQSPVDIRPQLAAFSPALRPLELLGFQLPPLPELRLRNNGHSVQLTLPPGLEMALG
PGREYRALQLHLHWGAAGRPGSEHTVEGHRFPAEIHVVHLSTAFARVDEALGRPGGLAVLAAFLEEGPEENSAYEQLLSR
LEEIAEEGSETQVPGLDISALLPSDFSRYFQYEGSLTTPPCAQGVIWTVFQQTVMLSAKQLHTLSDTLWGPGDSRLQLNF
RATQPLNGRVIEASFP
;
_entity_poly.pdbx_strand_id   A,B,C,D
#
# COMPACT_ATOMS: atom_id res chain seq x y z
N VAL A 17 -22.53 16.23 11.61
CA VAL A 17 -23.58 15.18 11.65
C VAL A 17 -22.97 13.82 11.27
N SER A 18 -21.83 13.83 10.56
CA SER A 18 -20.87 12.74 10.57
C SER A 18 -19.74 13.11 11.52
N PRO A 19 -19.62 12.46 12.71
CA PRO A 19 -18.51 12.68 13.64
C PRO A 19 -17.13 12.75 12.99
N ALA A 20 -16.97 12.11 11.82
CA ALA A 20 -15.66 12.17 11.16
C ALA A 20 -15.30 13.61 10.76
N CYS A 21 -16.29 14.46 10.51
CA CYS A 21 -16.06 15.85 10.15
C CYS A 21 -15.54 16.65 11.34
N ALA A 22 -15.55 16.07 12.53
CA ALA A 22 -14.98 16.71 13.70
C ALA A 22 -13.66 16.06 14.10
N GLY A 23 -13.01 15.34 13.18
CA GLY A 23 -11.67 14.84 13.49
C GLY A 23 -10.66 16.00 13.60
N ARG A 24 -9.41 15.67 13.94
CA ARG A 24 -8.36 16.66 14.18
C ARG A 24 -7.63 17.07 12.91
N PHE A 25 -7.73 16.26 11.83
CA PHE A 25 -6.86 16.46 10.65
C PHE A 25 -7.69 16.62 9.39
N GLN A 26 -8.43 17.73 9.37
CA GLN A 26 -9.39 18.00 8.32
C GLN A 26 -8.83 18.97 7.28
N SER A 27 -9.52 19.03 6.15
CA SER A 27 -9.27 19.96 5.06
C SER A 27 -10.55 20.78 4.84
N PRO A 28 -10.50 21.98 4.23
CA PRO A 28 -9.26 22.61 3.79
C PRO A 28 -8.56 23.38 4.91
N VAL A 29 -7.43 23.98 4.57
CA VAL A 29 -6.62 24.72 5.52
C VAL A 29 -6.18 26.04 4.88
N ASP A 30 -5.78 26.97 5.75
CA ASP A 30 -5.14 28.18 5.26
C ASP A 30 -3.66 27.87 5.07
N ILE A 31 -3.15 28.14 3.87
CA ILE A 31 -1.74 27.99 3.56
C ILE A 31 -0.97 29.27 3.90
N ARG A 32 0.15 29.09 4.60
CA ARG A 32 1.08 30.16 4.92
C ARG A 32 2.45 29.86 4.34
N PRO A 33 2.75 30.31 3.10
CA PRO A 33 4.00 29.94 2.45
C PRO A 33 5.30 30.09 3.25
N GLN A 34 5.43 31.16 4.03
CA GLN A 34 6.66 31.38 4.77
C GLN A 34 6.82 30.31 5.85
N LEU A 35 5.73 29.71 6.31
CA LEU A 35 5.82 28.69 7.33
C LEU A 35 5.88 27.30 6.72
N ALA A 36 5.79 27.20 5.39
CA ALA A 36 5.92 25.89 4.77
C ALA A 36 7.35 25.37 4.88
N ALA A 37 7.49 24.11 5.28
CA ALA A 37 8.79 23.46 5.30
C ALA A 37 9.24 23.02 3.89
N PHE A 38 10.35 23.57 3.37
CA PHE A 38 10.95 23.10 2.11
C PHE A 38 11.49 21.70 2.28
N SER A 39 11.19 20.79 1.36
CA SER A 39 11.91 19.53 1.35
C SER A 39 12.29 19.17 -0.07
N PRO A 40 13.60 19.05 -0.34
CA PRO A 40 14.11 18.53 -1.60
C PRO A 40 13.49 17.22 -2.02
N ALA A 41 12.94 16.44 -1.06
CA ALA A 41 12.46 15.13 -1.41
C ALA A 41 11.22 15.20 -2.31
N LEU A 42 10.51 16.34 -2.27
CA LEU A 42 9.28 16.57 -3.02
C LEU A 42 9.62 16.93 -4.46
N ARG A 43 9.62 15.92 -5.33
CA ARG A 43 10.10 16.07 -6.70
C ARG A 43 8.92 16.48 -7.60
N PRO A 44 9.17 16.83 -8.90
CA PRO A 44 8.10 17.29 -9.79
C PRO A 44 7.01 16.27 -9.99
N LEU A 45 5.76 16.75 -9.98
CA LEU A 45 4.59 15.88 -10.19
C LEU A 45 4.73 15.21 -11.56
N GLU A 46 4.48 13.89 -11.65
CA GLU A 46 4.43 13.23 -12.95
C GLU A 46 2.98 12.86 -13.27
N LEU A 47 2.45 13.41 -14.38
CA LEU A 47 1.11 13.13 -14.87
C LEU A 47 1.17 12.57 -16.31
N LEU A 48 0.95 11.26 -16.46
CA LEU A 48 0.91 10.61 -17.77
C LEU A 48 -0.49 10.15 -18.13
N GLY A 49 -0.77 10.18 -19.45
CA GLY A 49 -2.03 9.75 -20.00
C GLY A 49 -3.15 10.79 -19.85
N PHE A 50 -2.83 12.07 -19.53
CA PHE A 50 -3.88 13.05 -19.30
C PHE A 50 -4.39 13.69 -20.61
N GLN A 51 -3.64 13.53 -21.70
CA GLN A 51 -4.06 14.10 -22.99
C GLN A 51 -5.06 13.12 -23.63
N LEU A 52 -6.37 13.30 -23.32
CA LEU A 52 -7.40 12.39 -23.76
C LEU A 52 -7.82 12.72 -25.19
N PRO A 53 -8.06 11.70 -26.05
CA PRO A 53 -8.58 11.93 -27.39
C PRO A 53 -10.06 12.29 -27.33
N PRO A 54 -10.65 12.82 -28.44
CA PRO A 54 -12.06 13.20 -28.46
C PRO A 54 -13.03 12.06 -28.19
N LEU A 55 -12.59 10.82 -28.42
CA LEU A 55 -13.43 9.64 -28.21
C LEU A 55 -12.68 8.59 -27.38
N PRO A 56 -13.32 7.97 -26.36
CA PRO A 56 -14.72 8.24 -26.00
C PRO A 56 -15.02 9.49 -25.19
N GLU A 57 -16.31 9.80 -25.06
CA GLU A 57 -16.79 10.94 -24.31
C GLU A 57 -16.83 10.62 -22.81
N LEU A 58 -17.10 11.65 -22.01
CA LEU A 58 -16.98 11.59 -20.57
C LEU A 58 -18.24 12.18 -20.00
N ARG A 59 -18.63 11.71 -18.82
CA ARG A 59 -19.85 12.14 -18.19
C ARG A 59 -19.59 13.39 -17.35
N LEU A 60 -20.37 14.45 -17.59
CA LEU A 60 -20.36 15.68 -16.80
C LEU A 60 -21.71 15.80 -16.10
N ARG A 61 -21.73 16.11 -14.81
CA ARG A 61 -22.92 15.87 -14.02
C ARG A 61 -23.07 16.96 -12.97
N ASN A 62 -24.27 17.54 -12.88
CA ASN A 62 -24.62 18.45 -11.80
C ASN A 62 -25.28 17.64 -10.68
N ASN A 63 -24.58 17.46 -9.56
CA ASN A 63 -25.10 16.62 -8.50
C ASN A 63 -25.74 17.47 -7.41
N GLY A 64 -25.87 18.78 -7.70
CA GLY A 64 -26.39 19.74 -6.75
C GLY A 64 -25.39 20.12 -5.65
N HIS A 65 -24.18 19.56 -5.72
CA HIS A 65 -23.12 19.87 -4.77
C HIS A 65 -21.98 20.55 -5.53
N SER A 66 -21.67 20.02 -6.72
CA SER A 66 -20.65 20.55 -7.62
C SER A 66 -20.97 20.06 -9.03
N VAL A 67 -20.18 20.48 -10.01
CA VAL A 67 -20.15 19.83 -11.31
C VAL A 67 -18.98 18.84 -11.29
N GLN A 68 -19.26 17.62 -11.75
CA GLN A 68 -18.31 16.52 -11.69
C GLN A 68 -18.14 15.88 -13.06
N LEU A 69 -16.87 15.87 -13.52
CA LEU A 69 -16.45 15.13 -14.69
C LEU A 69 -15.88 13.78 -14.29
N THR A 70 -16.41 12.71 -14.85
CA THR A 70 -15.87 11.37 -14.64
C THR A 70 -14.71 11.10 -15.61
N LEU A 71 -13.61 10.57 -15.09
CA LEU A 71 -12.42 10.40 -15.90
C LEU A 71 -12.22 8.93 -16.25
N PRO A 72 -11.67 8.62 -17.43
CA PRO A 72 -11.43 7.24 -17.80
C PRO A 72 -10.23 6.64 -17.08
N PRO A 73 -10.08 5.30 -17.19
CA PRO A 73 -8.82 4.62 -16.90
C PRO A 73 -7.66 5.15 -17.73
N GLY A 74 -6.46 5.06 -17.16
CA GLY A 74 -5.23 5.35 -17.89
C GLY A 74 -4.55 6.66 -17.46
N LEU A 75 -5.12 7.39 -16.50
CA LEU A 75 -4.55 8.67 -16.09
C LEU A 75 -3.69 8.40 -14.85
N GLU A 76 -2.37 8.37 -15.05
CA GLU A 76 -1.47 7.91 -14.01
C GLU A 76 -0.71 9.10 -13.48
N MET A 77 -0.51 9.08 -12.16
CA MET A 77 0.07 10.20 -11.44
C MET A 77 0.98 9.66 -10.34
N ALA A 78 2.12 10.31 -10.12
CA ALA A 78 3.03 9.93 -9.07
C ALA A 78 3.42 11.17 -8.26
N LEU A 79 3.45 10.96 -6.94
CA LEU A 79 3.81 12.00 -5.97
C LEU A 79 5.27 11.82 -5.61
N GLY A 80 5.79 10.62 -5.91
CA GLY A 80 7.17 10.29 -5.65
C GLY A 80 7.48 8.88 -6.15
N PRO A 81 8.76 8.43 -6.05
CA PRO A 81 9.14 7.07 -6.42
C PRO A 81 8.29 6.02 -5.75
N GLY A 82 7.59 5.24 -6.56
CA GLY A 82 6.79 4.14 -6.07
C GLY A 82 5.48 4.61 -5.43
N ARG A 83 5.14 5.91 -5.50
CA ARG A 83 3.91 6.41 -4.92
C ARG A 83 2.98 6.89 -6.03
N GLU A 84 2.19 5.95 -6.56
CA GLU A 84 1.42 6.15 -7.78
C GLU A 84 -0.09 5.99 -7.54
N TYR A 85 -0.82 6.73 -8.37
CA TYR A 85 -2.23 7.02 -8.32
C TYR A 85 -2.85 6.94 -9.70
N ARG A 86 -4.17 6.79 -9.76
CA ARG A 86 -4.90 6.84 -11.00
C ARG A 86 -6.07 7.82 -10.79
N ALA A 87 -6.33 8.67 -11.78
CA ALA A 87 -7.36 9.69 -11.65
C ALA A 87 -8.77 9.10 -11.75
N LEU A 88 -9.70 9.60 -10.93
CA LEU A 88 -11.05 9.09 -10.85
C LEU A 88 -12.04 10.08 -11.45
N GLN A 89 -11.99 11.33 -10.96
CA GLN A 89 -12.89 12.41 -11.36
C GLN A 89 -12.23 13.76 -11.08
N LEU A 90 -12.86 14.84 -11.56
CA LEU A 90 -12.55 16.21 -11.17
C LEU A 90 -13.85 16.99 -10.93
N HIS A 91 -13.80 17.96 -10.03
CA HIS A 91 -14.93 18.84 -9.70
C HIS A 91 -14.38 20.23 -9.37
N LEU A 92 -15.30 21.19 -9.13
CA LEU A 92 -14.94 22.58 -8.87
C LEU A 92 -15.65 23.12 -7.63
N HIS A 93 -15.02 24.15 -7.07
CA HIS A 93 -15.54 24.89 -5.94
C HIS A 93 -15.56 26.37 -6.34
N TRP A 94 -16.63 27.08 -5.99
CA TRP A 94 -16.79 28.48 -6.38
C TRP A 94 -17.73 29.23 -5.43
N GLY A 95 -17.79 30.57 -5.62
CA GLY A 95 -18.46 31.46 -4.70
C GLY A 95 -19.71 32.05 -5.35
N ALA A 96 -19.82 33.37 -5.21
CA ALA A 96 -20.97 34.10 -5.75
C ALA A 96 -20.61 35.54 -6.07
N ALA A 97 -21.57 36.31 -6.55
CA ALA A 97 -21.35 37.71 -6.89
C ALA A 97 -20.58 38.45 -5.84
N GLY A 98 -19.42 38.96 -6.21
CA GLY A 98 -18.60 39.67 -5.26
C GLY A 98 -18.05 38.85 -4.12
N ARG A 99 -18.13 37.54 -4.24
CA ARG A 99 -17.64 36.68 -3.19
C ARG A 99 -16.83 35.48 -3.76
N PRO A 100 -15.59 35.34 -3.28
CA PRO A 100 -14.74 34.23 -3.73
C PRO A 100 -15.19 32.86 -3.18
N GLY A 101 -14.85 31.76 -3.85
CA GLY A 101 -15.32 30.45 -3.40
C GLY A 101 -14.27 29.33 -3.43
N SER A 102 -12.96 29.64 -3.37
CA SER A 102 -11.98 28.58 -3.24
C SER A 102 -12.14 27.91 -1.87
N GLU A 103 -11.62 26.68 -1.73
CA GLU A 103 -11.68 25.97 -0.47
C GLU A 103 -10.45 26.33 0.35
N HIS A 104 -9.26 26.06 -0.20
CA HIS A 104 -8.02 26.52 0.44
C HIS A 104 -7.98 28.06 0.40
N THR A 105 -7.25 28.66 1.35
CA THR A 105 -6.90 30.06 1.32
C THR A 105 -5.38 30.18 1.40
N VAL A 106 -4.86 31.37 1.03
CA VAL A 106 -3.44 31.65 1.14
C VAL A 106 -3.33 32.96 1.90
N GLU A 107 -2.73 32.89 3.09
CA GLU A 107 -2.59 34.02 4.00
C GLU A 107 -3.94 34.68 4.24
N GLY A 108 -5.01 33.88 4.28
CA GLY A 108 -6.35 34.36 4.56
C GLY A 108 -7.12 34.74 3.29
N HIS A 109 -6.44 34.79 2.14
CA HIS A 109 -7.03 35.22 0.90
C HIS A 109 -7.73 34.04 0.25
N ARG A 110 -9.02 34.24 -0.03
CA ARG A 110 -9.82 33.28 -0.77
C ARG A 110 -9.79 33.71 -2.22
N PHE A 111 -9.36 32.78 -3.10
CA PHE A 111 -9.35 32.93 -4.53
C PHE A 111 -10.74 32.67 -5.10
N PRO A 112 -11.04 33.18 -6.32
CA PRO A 112 -12.35 32.97 -6.97
C PRO A 112 -12.91 31.55 -6.98
N ALA A 113 -12.13 30.58 -7.49
CA ALA A 113 -12.57 29.20 -7.57
C ALA A 113 -11.37 28.26 -7.38
N GLU A 114 -11.60 26.95 -7.55
CA GLU A 114 -10.64 25.93 -7.14
C GLU A 114 -11.05 24.65 -7.84
N ILE A 115 -10.08 24.01 -8.51
CA ILE A 115 -10.30 22.72 -9.14
C ILE A 115 -9.63 21.63 -8.31
N HIS A 116 -10.30 20.48 -8.23
CA HIS A 116 -9.85 19.31 -7.50
C HIS A 116 -9.87 18.10 -8.42
N VAL A 117 -8.71 17.46 -8.62
CA VAL A 117 -8.60 16.24 -9.40
C VAL A 117 -8.31 15.09 -8.42
N VAL A 118 -9.24 14.13 -8.30
CA VAL A 118 -9.23 13.14 -7.23
C VAL A 118 -8.68 11.83 -7.78
N HIS A 119 -7.70 11.24 -7.07
CA HIS A 119 -7.04 10.02 -7.48
C HIS A 119 -7.01 8.93 -6.39
N LEU A 120 -6.89 7.67 -6.83
CA LEU A 120 -6.87 6.49 -5.97
C LEU A 120 -5.49 5.82 -6.06
N SER A 121 -4.91 5.53 -4.90
CA SER A 121 -3.61 4.84 -4.87
C SER A 121 -3.72 3.52 -5.63
N THR A 122 -2.64 3.16 -6.33
CA THR A 122 -2.65 1.91 -7.08
C THR A 122 -2.53 0.73 -6.11
N ALA A 123 -2.26 1.00 -4.82
CA ALA A 123 -2.18 -0.05 -3.82
C ALA A 123 -3.57 -0.49 -3.35
N PHE A 124 -4.64 0.25 -3.67
CA PHE A 124 -6.01 -0.14 -3.36
C PHE A 124 -6.87 -0.31 -4.62
N ALA A 125 -7.74 -1.33 -4.63
CA ALA A 125 -8.51 -1.72 -5.80
C ALA A 125 -9.81 -0.95 -5.82
N ARG A 126 -10.24 -0.48 -4.64
CA ARG A 126 -11.52 0.18 -4.44
C ARG A 126 -11.31 1.42 -3.59
N VAL A 127 -12.09 2.45 -3.87
CA VAL A 127 -12.16 3.67 -3.06
C VAL A 127 -12.60 3.36 -1.64
N ASP A 128 -13.50 2.37 -1.43
CA ASP A 128 -14.01 2.16 -0.09
C ASP A 128 -12.95 1.50 0.81
N GLU A 129 -11.98 0.80 0.22
CA GLU A 129 -10.82 0.32 0.96
C GLU A 129 -9.89 1.48 1.32
N ALA A 130 -9.81 2.49 0.43
CA ALA A 130 -8.85 3.56 0.58
C ALA A 130 -9.30 4.65 1.55
N LEU A 131 -10.61 4.82 1.79
CA LEU A 131 -11.13 5.85 2.67
C LEU A 131 -10.63 5.60 4.09
N GLY A 132 -10.00 6.62 4.66
CA GLY A 132 -9.47 6.52 6.01
C GLY A 132 -8.07 6.02 6.10
N ARG A 133 -7.55 5.51 4.98
CA ARG A 133 -6.24 4.94 4.97
C ARG A 133 -5.18 5.97 4.51
N PRO A 134 -4.00 5.90 5.13
CA PRO A 134 -2.97 6.91 4.82
C PRO A 134 -2.50 6.87 3.36
N GLY A 135 -2.69 7.98 2.66
CA GLY A 135 -2.31 8.07 1.27
C GLY A 135 -3.24 7.30 0.33
N GLY A 136 -4.37 6.77 0.82
CA GLY A 136 -5.29 6.06 -0.05
C GLY A 136 -5.82 6.89 -1.21
N LEU A 137 -6.27 8.12 -0.94
CA LEU A 137 -6.67 9.08 -1.96
C LEU A 137 -5.67 10.23 -2.00
N ALA A 138 -5.40 10.74 -3.23
CA ALA A 138 -4.66 11.99 -3.40
C ALA A 138 -5.44 12.93 -4.30
N VAL A 139 -5.51 14.20 -3.91
CA VAL A 139 -6.18 15.21 -4.69
C VAL A 139 -5.14 16.22 -5.14
N LEU A 140 -5.12 16.55 -6.44
CA LEU A 140 -4.42 17.72 -6.94
C LEU A 140 -5.39 18.89 -6.99
N ALA A 141 -4.96 20.03 -6.42
CA ALA A 141 -5.77 21.24 -6.34
C ALA A 141 -5.05 22.43 -6.94
N ALA A 142 -5.82 23.28 -7.65
CA ALA A 142 -5.32 24.55 -8.20
C ALA A 142 -6.35 25.66 -8.07
N PHE A 143 -5.81 26.87 -7.79
CA PHE A 143 -6.61 28.06 -7.64
C PHE A 143 -6.90 28.65 -9.02
N LEU A 144 -8.13 29.19 -9.16
CA LEU A 144 -8.62 29.83 -10.38
C LEU A 144 -8.85 31.31 -10.06
N GLU A 145 -8.19 32.17 -10.85
CA GLU A 145 -8.19 33.63 -10.68
C GLU A 145 -8.70 34.31 -11.95
N GLU A 146 -9.12 35.57 -11.77
CA GLU A 146 -9.54 36.40 -12.89
C GLU A 146 -8.32 36.82 -13.69
N GLY A 147 -8.37 36.64 -15.01
CA GLY A 147 -7.40 37.23 -15.91
C GLY A 147 -8.13 37.91 -17.08
N PRO A 148 -7.39 38.50 -18.05
CA PRO A 148 -8.00 39.16 -19.21
C PRO A 148 -8.43 38.23 -20.34
N GLU A 149 -7.63 37.20 -20.63
CA GLU A 149 -7.93 36.28 -21.72
C GLU A 149 -9.04 35.33 -21.32
N GLU A 150 -9.65 34.71 -22.34
CA GLU A 150 -10.61 33.63 -22.16
C GLU A 150 -9.87 32.30 -22.20
N ASN A 151 -10.08 31.44 -21.17
CA ASN A 151 -9.39 30.16 -21.08
C ASN A 151 -10.04 29.14 -22.01
N SER A 152 -9.24 28.55 -22.90
CA SER A 152 -9.75 27.55 -23.84
C SER A 152 -10.12 26.24 -23.12
N ALA A 153 -9.22 25.75 -22.25
CA ALA A 153 -9.42 24.46 -21.62
C ALA A 153 -10.69 24.50 -20.77
N TYR A 154 -10.82 25.57 -19.97
CA TYR A 154 -11.99 25.68 -19.11
C TYR A 154 -13.28 25.88 -19.90
N GLU A 155 -13.21 26.53 -21.06
CA GLU A 155 -14.39 26.80 -21.87
C GLU A 155 -15.07 25.50 -22.32
N GLN A 156 -14.28 24.45 -22.58
CA GLN A 156 -14.84 23.14 -22.98
C GLN A 156 -15.85 22.63 -21.94
N LEU A 157 -15.67 22.99 -20.66
CA LEU A 157 -16.55 22.54 -19.58
C LEU A 157 -17.54 23.64 -19.24
N LEU A 158 -17.09 24.87 -19.18
CA LEU A 158 -17.96 25.94 -18.81
C LEU A 158 -19.07 26.10 -19.84
N SER A 159 -18.77 25.74 -21.07
CA SER A 159 -19.74 25.92 -22.15
C SER A 159 -20.93 25.01 -21.95
N ARG A 160 -20.77 23.94 -21.19
CA ARG A 160 -21.85 22.98 -21.09
C ARG A 160 -22.58 23.03 -19.76
N LEU A 161 -22.28 24.00 -18.93
CA LEU A 161 -23.01 24.12 -17.68
C LEU A 161 -24.48 24.48 -17.95
N GLU A 162 -24.74 25.19 -19.05
CA GLU A 162 -26.08 25.54 -19.48
C GLU A 162 -26.97 24.30 -19.50
N GLU A 163 -26.56 23.29 -20.26
CA GLU A 163 -27.31 22.05 -20.42
C GLU A 163 -27.73 21.43 -19.10
N ILE A 164 -26.89 21.53 -18.06
CA ILE A 164 -27.06 20.66 -16.89
C ILE A 164 -27.39 21.52 -15.67
N ALA A 165 -27.95 22.69 -15.89
CA ALA A 165 -28.28 23.58 -14.81
C ALA A 165 -29.29 23.06 -13.79
N GLU A 166 -30.05 22.06 -14.13
CA GLU A 166 -31.09 21.58 -13.22
C GLU A 166 -30.61 21.13 -11.84
N GLU A 167 -30.24 19.88 -11.68
CA GLU A 167 -29.86 19.35 -10.38
C GLU A 167 -30.14 17.92 -10.60
N GLY A 168 -29.11 17.16 -10.83
CA GLY A 168 -29.31 15.79 -11.19
C GLY A 168 -29.10 15.65 -12.67
N SER A 169 -29.20 16.76 -13.39
CA SER A 169 -28.97 16.74 -14.83
C SER A 169 -27.53 16.32 -15.13
N GLU A 170 -27.34 15.68 -16.28
CA GLU A 170 -26.03 15.22 -16.71
C GLU A 170 -25.94 15.20 -18.24
N THR A 171 -24.74 15.35 -18.78
CA THR A 171 -24.52 15.34 -20.21
C THR A 171 -23.23 14.58 -20.50
N GLN A 172 -22.93 14.31 -21.78
CA GLN A 172 -21.68 13.73 -22.22
C GLN A 172 -20.87 14.79 -22.97
N VAL A 173 -19.53 14.78 -22.83
CA VAL A 173 -18.70 15.81 -23.44
C VAL A 173 -17.50 15.13 -24.09
N PRO A 174 -16.89 15.71 -25.15
CA PRO A 174 -15.76 15.07 -25.83
C PRO A 174 -14.53 15.10 -24.94
N GLY A 175 -13.64 14.11 -25.13
CA GLY A 175 -12.39 14.04 -24.41
C GLY A 175 -11.61 15.34 -24.54
N LEU A 176 -10.82 15.66 -23.51
CA LEU A 176 -10.05 16.89 -23.48
C LEU A 176 -8.73 16.61 -22.76
N ASP A 177 -7.76 17.49 -22.98
CA ASP A 177 -6.50 17.39 -22.26
C ASP A 177 -6.73 17.85 -20.82
N ILE A 178 -6.82 16.91 -19.89
CA ILE A 178 -7.09 17.25 -18.50
C ILE A 178 -5.94 18.07 -17.93
N SER A 179 -4.71 17.81 -18.42
CA SER A 179 -3.52 18.47 -17.90
C SER A 179 -3.45 19.94 -18.29
N ALA A 180 -4.22 20.37 -19.31
CA ALA A 180 -4.26 21.76 -19.72
C ALA A 180 -5.04 22.64 -18.74
N LEU A 181 -5.83 21.99 -17.86
CA LEU A 181 -6.59 22.66 -16.82
C LEU A 181 -5.70 23.08 -15.64
N LEU A 182 -4.44 22.64 -15.63
CA LEU A 182 -3.59 22.80 -14.46
C LEU A 182 -2.48 23.79 -14.73
N PRO A 183 -1.85 24.35 -13.66
CA PRO A 183 -0.83 25.38 -13.83
C PRO A 183 0.45 24.96 -14.54
N SER A 184 1.34 25.93 -14.70
CA SER A 184 2.50 25.78 -15.54
C SER A 184 3.59 24.86 -14.96
N ASP A 185 3.97 25.08 -13.69
CA ASP A 185 5.15 24.44 -13.14
C ASP A 185 4.82 23.30 -12.19
N PHE A 186 5.06 22.05 -12.61
CA PHE A 186 4.71 20.88 -11.81
C PHE A 186 5.75 20.59 -10.71
N SER A 187 6.76 21.46 -10.62
CA SER A 187 7.80 21.38 -9.61
C SER A 187 7.52 22.33 -8.45
N ARG A 188 6.42 23.13 -8.49
CA ARG A 188 6.14 24.16 -7.48
C ARG A 188 4.75 23.93 -6.83
N TYR A 189 4.76 23.30 -5.64
CA TYR A 189 3.51 23.02 -4.93
C TYR A 189 3.71 22.95 -3.42
N PHE A 190 2.58 23.03 -2.71
CA PHE A 190 2.45 22.75 -1.30
C PHE A 190 1.77 21.39 -1.09
N GLN A 191 2.04 20.73 0.04
CA GLN A 191 1.54 19.37 0.28
C GLN A 191 1.32 19.14 1.78
N TYR A 192 0.22 18.44 2.14
CA TYR A 192 -0.14 18.11 3.51
C TYR A 192 -1.12 16.93 3.45
N GLU A 193 -1.34 16.31 4.60
CA GLU A 193 -2.35 15.28 4.77
C GLU A 193 -3.55 15.82 5.55
N GLY A 194 -4.75 15.60 4.97
CA GLY A 194 -6.01 16.05 5.54
C GLY A 194 -7.16 15.08 5.20
N SER A 195 -8.29 15.67 4.78
CA SER A 195 -9.52 14.92 4.66
C SER A 195 -10.23 15.31 3.37
N LEU A 196 -11.25 14.53 2.99
CA LEU A 196 -12.29 14.98 2.09
C LEU A 196 -12.95 16.24 2.67
N THR A 197 -13.37 17.18 1.80
CA THR A 197 -13.99 18.40 2.28
C THR A 197 -15.52 18.27 2.28
N THR A 198 -16.02 17.11 1.86
CA THR A 198 -17.42 16.74 1.99
C THR A 198 -17.56 15.51 2.90
N PRO A 199 -18.71 15.28 3.57
CA PRO A 199 -18.96 14.02 4.27
C PRO A 199 -18.73 12.92 3.25
N PRO A 200 -18.09 11.78 3.57
CA PRO A 200 -17.76 11.41 4.95
C PRO A 200 -16.54 12.01 5.69
N CYS A 201 -15.87 12.99 5.07
CA CYS A 201 -14.80 13.74 5.69
C CYS A 201 -13.67 12.82 6.13
N ALA A 202 -13.41 11.78 5.33
CA ALA A 202 -12.45 10.75 5.69
C ALA A 202 -11.04 11.34 5.73
N GLN A 203 -10.22 10.96 6.71
CA GLN A 203 -8.84 11.41 6.84
C GLN A 203 -7.90 10.51 6.01
N GLY A 204 -6.62 10.90 5.94
CA GLY A 204 -5.56 10.23 5.20
C GLY A 204 -5.46 10.63 3.71
N VAL A 205 -6.15 11.71 3.30
CA VAL A 205 -6.06 12.26 1.95
C VAL A 205 -4.77 13.09 1.83
N ILE A 206 -3.91 12.77 0.83
CA ILE A 206 -2.81 13.66 0.48
C ILE A 206 -3.29 14.78 -0.45
N TRP A 207 -3.16 16.03 0.02
CA TRP A 207 -3.49 17.25 -0.71
C TRP A 207 -2.21 17.88 -1.25
N THR A 208 -2.23 18.10 -2.57
CA THR A 208 -1.17 18.81 -3.28
C THR A 208 -1.80 20.04 -3.90
N VAL A 209 -1.26 21.21 -3.61
CA VAL A 209 -1.86 22.51 -3.97
C VAL A 209 -0.82 23.26 -4.78
N PHE A 210 -1.05 23.41 -6.10
CA PHE A 210 -0.10 24.13 -6.94
C PHE A 210 0.20 25.50 -6.38
N GLN A 211 1.48 25.92 -6.51
CA GLN A 211 1.86 27.28 -6.13
C GLN A 211 1.29 28.28 -7.12
N GLN A 212 1.32 27.98 -8.42
CA GLN A 212 0.78 28.89 -9.41
C GLN A 212 -0.69 28.63 -9.66
N THR A 213 -1.33 29.65 -10.22
CA THR A 213 -2.76 29.72 -10.42
C THR A 213 -3.03 29.63 -11.92
N VAL A 214 -4.27 29.29 -12.24
CA VAL A 214 -4.79 29.31 -13.58
C VAL A 214 -5.78 30.47 -13.70
N MET A 215 -5.85 31.06 -14.90
CA MET A 215 -6.60 32.30 -15.12
C MET A 215 -7.82 32.06 -15.99
N LEU A 216 -8.97 32.57 -15.48
CA LEU A 216 -10.21 32.56 -16.24
C LEU A 216 -10.69 34.02 -16.43
N SER A 217 -11.40 34.29 -17.53
CA SER A 217 -12.05 35.58 -17.77
C SER A 217 -13.17 35.80 -16.77
N ALA A 218 -13.43 37.06 -16.43
CA ALA A 218 -14.45 37.42 -15.46
C ALA A 218 -15.82 36.89 -15.91
N LYS A 219 -15.98 36.81 -17.24
CA LYS A 219 -17.13 36.17 -17.87
C LYS A 219 -17.27 34.71 -17.43
N GLN A 220 -16.18 33.93 -17.58
CA GLN A 220 -16.16 32.51 -17.21
C GLN A 220 -16.45 32.30 -15.72
N LEU A 221 -15.91 33.16 -14.85
CA LEU A 221 -16.08 33.05 -13.41
C LEU A 221 -17.51 33.41 -12.98
N HIS A 222 -18.13 34.36 -13.68
CA HIS A 222 -19.55 34.64 -13.46
C HIS A 222 -20.33 33.39 -13.86
N THR A 223 -20.16 32.90 -15.10
CA THR A 223 -20.78 31.67 -15.56
C THR A 223 -20.78 30.61 -14.46
N LEU A 224 -19.58 30.30 -13.95
CA LEU A 224 -19.36 29.13 -13.11
C LEU A 224 -20.20 29.29 -11.85
N SER A 225 -20.24 30.51 -11.33
CA SER A 225 -20.96 30.77 -10.09
C SER A 225 -22.39 31.24 -10.26
N ASP A 226 -22.99 31.01 -11.41
CA ASP A 226 -24.31 31.58 -11.67
C ASP A 226 -25.11 30.84 -12.71
N THR A 227 -24.69 29.66 -13.08
CA THR A 227 -25.42 28.90 -14.07
C THR A 227 -26.12 27.68 -13.48
N LEU A 228 -25.62 27.10 -12.38
CA LEU A 228 -26.20 25.87 -11.86
C LEU A 228 -27.14 26.01 -10.69
N TRP A 229 -28.12 25.14 -10.62
CA TRP A 229 -29.09 25.14 -9.53
C TRP A 229 -28.86 23.93 -8.63
N GLY A 230 -29.00 24.15 -7.32
CA GLY A 230 -28.68 23.17 -6.30
C GLY A 230 -29.96 22.64 -5.63
N PRO A 231 -29.93 22.33 -4.31
CA PRO A 231 -31.11 21.91 -3.57
C PRO A 231 -32.36 22.76 -3.84
N GLY A 232 -33.37 22.12 -4.46
CA GLY A 232 -34.73 22.61 -4.51
C GLY A 232 -34.93 23.70 -5.56
N ASP A 233 -35.16 24.94 -5.07
CA ASP A 233 -35.18 26.13 -5.89
C ASP A 233 -34.15 27.10 -5.31
N SER A 234 -32.87 26.85 -5.63
CA SER A 234 -31.76 27.64 -5.09
C SER A 234 -30.50 27.47 -5.94
N ARG A 235 -29.73 28.55 -6.14
CA ARG A 235 -28.53 28.52 -6.94
C ARG A 235 -27.39 27.78 -6.22
N LEU A 236 -26.66 26.94 -6.96
CA LEU A 236 -25.46 26.26 -6.45
C LEU A 236 -24.30 27.26 -6.36
N GLN A 237 -23.96 27.69 -5.13
CA GLN A 237 -22.99 28.75 -4.93
C GLN A 237 -22.36 28.65 -3.54
N LEU A 238 -21.19 29.26 -3.36
CA LEU A 238 -20.45 29.19 -2.12
C LEU A 238 -20.36 27.75 -1.61
N ASN A 239 -19.94 26.81 -2.48
CA ASN A 239 -19.85 25.40 -2.13
C ASN A 239 -18.47 25.05 -1.60
N PHE A 240 -17.95 25.85 -0.67
CA PHE A 240 -16.67 25.55 -0.06
C PHE A 240 -16.92 25.34 1.42
N ARG A 241 -15.98 24.67 2.05
CA ARG A 241 -16.07 24.43 3.45
C ARG A 241 -15.18 25.44 4.15
N ALA A 242 -15.54 25.78 5.36
CA ALA A 242 -14.73 26.68 6.14
C ALA A 242 -13.34 26.14 6.38
N THR A 243 -12.46 27.01 6.85
CA THR A 243 -11.08 26.67 7.05
C THR A 243 -10.91 25.88 8.31
N GLN A 244 -10.09 24.86 8.24
CA GLN A 244 -9.88 23.99 9.36
C GLN A 244 -8.49 24.12 9.96
N PRO A 245 -8.41 24.00 11.28
CA PRO A 245 -7.11 24.17 11.93
C PRO A 245 -6.12 23.08 11.50
N LEU A 246 -4.86 23.49 11.39
CA LEU A 246 -3.79 22.57 11.05
C LEU A 246 -3.57 21.58 12.19
N ASN A 247 -3.80 21.99 13.44
CA ASN A 247 -3.55 21.19 14.62
C ASN A 247 -2.18 20.53 14.62
N GLY A 248 -1.12 21.26 14.27
CA GLY A 248 0.22 20.72 14.43
C GLY A 248 0.82 20.18 13.13
N ARG A 249 0.00 19.90 12.12
CA ARG A 249 0.51 19.52 10.80
C ARG A 249 1.31 20.70 10.22
N VAL A 250 2.40 20.36 9.54
CA VAL A 250 3.25 21.33 8.87
C VAL A 250 3.12 21.07 7.37
N ILE A 251 2.73 22.10 6.64
CA ILE A 251 2.61 22.08 5.19
C ILE A 251 4.02 22.09 4.63
N GLU A 252 4.25 21.24 3.61
CA GLU A 252 5.51 21.13 2.94
C GLU A 252 5.46 21.89 1.64
N ALA A 253 6.62 22.44 1.23
CA ALA A 253 6.78 23.09 -0.05
C ALA A 253 7.89 22.43 -0.87
N SER A 254 7.69 22.37 -2.21
CA SER A 254 8.63 21.74 -3.12
C SER A 254 9.72 22.71 -3.60
N PHE A 255 9.73 23.91 -3.05
CA PHE A 255 10.67 24.93 -3.51
C PHE A 255 11.12 25.76 -2.31
N PRO A 256 12.38 26.25 -2.29
CA PRO A 256 12.86 27.14 -1.23
C PRO A 256 12.25 28.53 -1.28
N VAL B 17 12.04 -16.56 -5.04
CA VAL B 17 10.65 -16.72 -5.58
C VAL B 17 9.65 -16.25 -4.52
N SER B 18 9.78 -14.96 -4.15
CA SER B 18 8.69 -14.11 -3.68
C SER B 18 8.88 -12.71 -4.28
N PRO B 19 7.94 -12.24 -5.12
CA PRO B 19 8.23 -11.20 -6.13
C PRO B 19 8.65 -9.80 -5.65
N ALA B 20 8.06 -9.32 -4.56
CA ALA B 20 8.35 -7.97 -4.07
C ALA B 20 9.83 -7.86 -3.64
N CYS B 21 10.48 -9.02 -3.36
CA CYS B 21 11.90 -9.11 -3.04
C CYS B 21 12.78 -8.69 -4.21
N ALA B 22 12.13 -8.38 -5.33
CA ALA B 22 12.79 -7.92 -6.53
C ALA B 22 12.25 -6.55 -6.94
N GLY B 23 11.80 -5.75 -5.96
CA GLY B 23 11.23 -4.45 -6.23
C GLY B 23 12.30 -3.37 -6.33
N ARG B 24 11.93 -2.19 -6.83
CA ARG B 24 12.91 -1.17 -7.12
C ARG B 24 13.30 -0.43 -5.84
N PHE B 25 12.42 -0.48 -4.81
CA PHE B 25 12.52 0.35 -3.60
C PHE B 25 12.59 -0.51 -2.34
N GLN B 26 13.74 -1.17 -2.15
CA GLN B 26 13.95 -2.12 -1.08
C GLN B 26 14.80 -1.53 0.04
N SER B 27 14.83 -2.29 1.12
CA SER B 27 15.67 -1.99 2.26
C SER B 27 16.59 -3.17 2.56
N PRO B 28 17.70 -3.05 3.33
CA PRO B 28 18.19 -1.78 3.86
C PRO B 28 18.94 -0.95 2.83
N VAL B 29 19.43 0.20 3.25
CA VAL B 29 20.16 1.09 2.35
C VAL B 29 21.39 1.66 3.08
N ASP B 30 22.31 2.20 2.27
CA ASP B 30 23.42 3.01 2.78
C ASP B 30 22.93 4.44 2.92
N ILE B 31 23.17 5.04 4.08
CA ILE B 31 22.78 6.40 4.41
C ILE B 31 24.01 7.31 4.28
N ARG B 32 23.86 8.40 3.52
CA ARG B 32 24.93 9.40 3.37
C ARG B 32 24.46 10.73 3.92
N PRO B 33 24.77 11.08 5.19
CA PRO B 33 24.13 12.23 5.82
C PRO B 33 24.33 13.56 5.09
N GLN B 34 25.41 13.68 4.30
CA GLN B 34 25.66 14.85 3.47
C GLN B 34 24.53 15.01 2.46
N LEU B 35 23.99 13.88 1.96
CA LEU B 35 23.01 13.87 0.87
C LEU B 35 21.57 13.75 1.38
N ALA B 36 21.34 13.81 2.70
CA ALA B 36 19.99 13.70 3.24
C ALA B 36 19.29 15.04 3.08
N ALA B 37 17.99 15.01 2.76
CA ALA B 37 17.23 16.25 2.71
C ALA B 37 16.77 16.64 4.11
N PHE B 38 17.13 17.84 4.56
CA PHE B 38 16.62 18.41 5.80
C PHE B 38 15.14 18.72 5.61
N SER B 39 14.29 18.19 6.49
CA SER B 39 12.84 18.33 6.41
C SER B 39 12.35 18.73 7.78
N PRO B 40 12.15 20.05 8.00
CA PRO B 40 11.66 20.55 9.26
C PRO B 40 10.31 19.98 9.62
N ALA B 41 9.60 19.34 8.66
CA ALA B 41 8.32 18.75 8.97
C ALA B 41 8.47 17.56 9.92
N LEU B 42 9.66 16.94 9.93
CA LEU B 42 9.95 15.78 10.77
C LEU B 42 10.14 16.19 12.23
N ARG B 43 9.12 15.87 13.03
CA ARG B 43 9.08 16.22 14.43
C ARG B 43 9.61 15.07 15.28
N PRO B 44 9.82 15.29 16.59
CA PRO B 44 10.20 14.19 17.48
C PRO B 44 9.16 13.07 17.60
N LEU B 45 9.65 11.84 17.70
CA LEU B 45 8.76 10.68 17.82
C LEU B 45 8.02 10.67 19.16
N GLU B 46 6.75 10.32 19.15
CA GLU B 46 6.01 10.14 20.36
C GLU B 46 5.81 8.62 20.54
N LEU B 47 6.34 8.10 21.66
CA LEU B 47 6.08 6.74 22.11
C LEU B 47 5.22 6.74 23.37
N LEU B 48 4.12 5.96 23.40
CA LEU B 48 3.23 5.89 24.57
C LEU B 48 3.03 4.42 24.94
N GLY B 49 3.14 4.13 26.23
CA GLY B 49 2.82 2.83 26.80
C GLY B 49 3.96 1.83 26.63
N PHE B 50 5.16 2.34 26.34
CA PHE B 50 6.32 1.48 26.15
C PHE B 50 6.96 1.09 27.50
N GLN B 51 6.64 1.81 28.58
CA GLN B 51 7.18 1.47 29.88
C GLN B 51 6.28 0.41 30.54
N LEU B 52 6.59 -0.86 30.33
CA LEU B 52 5.68 -1.92 30.71
C LEU B 52 5.85 -2.35 32.16
N PRO B 53 4.76 -2.86 32.74
CA PRO B 53 4.82 -3.66 33.96
C PRO B 53 5.47 -5.02 33.75
N PRO B 54 6.03 -5.62 34.80
CA PRO B 54 6.66 -6.93 34.71
C PRO B 54 5.73 -8.05 34.28
N LEU B 55 4.45 -7.93 34.62
CA LEU B 55 3.43 -8.91 34.28
C LEU B 55 2.32 -8.22 33.50
N PRO B 56 1.78 -8.82 32.40
CA PRO B 56 2.14 -10.15 31.93
C PRO B 56 3.51 -10.22 31.28
N GLU B 57 4.11 -11.43 31.28
CA GLU B 57 5.34 -11.65 30.55
C GLU B 57 5.14 -11.57 29.04
N LEU B 58 6.25 -11.48 28.32
CA LEU B 58 6.31 -11.36 26.87
C LEU B 58 7.01 -12.60 26.32
N ARG B 59 6.74 -12.99 25.08
CA ARG B 59 7.39 -14.17 24.50
C ARG B 59 8.62 -13.73 23.69
N LEU B 60 9.77 -14.37 23.98
CA LEU B 60 11.03 -14.17 23.29
C LEU B 60 11.38 -15.43 22.51
N ARG B 61 11.52 -15.36 21.18
CA ARG B 61 11.63 -16.58 20.37
C ARG B 61 12.86 -16.54 19.45
N ASN B 62 13.59 -17.68 19.39
CA ASN B 62 14.59 -17.92 18.35
C ASN B 62 13.88 -18.55 17.15
N ASN B 63 13.58 -17.72 16.14
CA ASN B 63 12.84 -18.23 15.01
C ASN B 63 13.80 -18.79 13.96
N GLY B 64 15.10 -18.88 14.28
CA GLY B 64 16.07 -19.40 13.31
C GLY B 64 16.59 -18.33 12.35
N HIS B 65 15.96 -17.14 12.30
CA HIS B 65 16.44 -16.01 11.48
C HIS B 65 16.84 -14.81 12.35
N SER B 66 16.21 -14.67 13.52
CA SER B 66 16.58 -13.66 14.49
C SER B 66 16.09 -14.08 15.87
N VAL B 67 16.33 -13.25 16.89
CA VAL B 67 15.57 -13.38 18.13
C VAL B 67 14.50 -12.30 18.11
N GLN B 68 13.23 -12.71 18.26
CA GLN B 68 12.10 -11.79 18.21
C GLN B 68 11.32 -11.77 19.55
N LEU B 69 11.02 -10.54 20.02
CA LEU B 69 10.21 -10.27 21.19
C LEU B 69 8.84 -9.81 20.71
N THR B 70 7.81 -10.55 21.09
CA THR B 70 6.44 -10.20 20.74
C THR B 70 5.99 -9.16 21.76
N LEU B 71 5.55 -8.02 21.29
CA LEU B 71 5.12 -6.95 22.16
C LEU B 71 3.61 -6.99 22.36
N PRO B 72 3.12 -6.47 23.50
CA PRO B 72 1.71 -6.62 23.84
C PRO B 72 0.92 -5.52 23.17
N PRO B 73 -0.43 -5.59 23.21
CA PRO B 73 -1.23 -4.42 22.85
C PRO B 73 -0.99 -3.21 23.76
N GLY B 74 -1.15 -2.02 23.16
CA GLY B 74 -1.18 -0.73 23.85
C GLY B 74 0.09 0.12 23.70
N LEU B 75 1.04 -0.26 22.83
CA LEU B 75 2.27 0.50 22.59
C LEU B 75 2.00 1.39 21.38
N GLU B 76 1.76 2.69 21.59
CA GLU B 76 1.42 3.58 20.49
C GLU B 76 2.64 4.42 20.12
N MET B 77 2.90 4.53 18.80
CA MET B 77 4.00 5.28 18.26
C MET B 77 3.46 6.17 17.13
N ALA B 78 3.78 7.47 17.19
CA ALA B 78 3.44 8.40 16.14
C ALA B 78 4.69 8.99 15.50
N LEU B 79 4.78 8.93 14.16
CA LEU B 79 5.81 9.57 13.37
C LEU B 79 5.51 11.04 13.17
N GLY B 80 4.30 11.41 13.52
CA GLY B 80 3.91 12.80 13.61
C GLY B 80 2.41 12.90 13.75
N PRO B 81 1.94 14.16 13.82
CA PRO B 81 0.51 14.45 13.84
C PRO B 81 -0.26 13.67 12.77
N GLY B 82 -1.24 12.85 13.16
CA GLY B 82 -1.97 12.00 12.24
C GLY B 82 -1.22 10.81 11.63
N ARG B 83 -0.01 10.49 12.11
CA ARG B 83 0.80 9.40 11.55
C ARG B 83 0.96 8.33 12.65
N GLU B 84 -0.12 7.58 12.92
CA GLU B 84 -0.23 6.80 14.13
C GLU B 84 -0.11 5.30 13.89
N TYR B 85 0.56 4.65 14.87
CA TYR B 85 1.07 3.28 14.80
C TYR B 85 0.95 2.57 16.15
N ARG B 86 0.91 1.22 16.07
CA ARG B 86 1.03 0.32 17.21
C ARG B 86 2.16 -0.69 17.04
N ALA B 87 2.93 -0.88 18.11
CA ALA B 87 4.06 -1.79 18.01
C ALA B 87 3.58 -3.25 18.07
N LEU B 88 4.24 -4.09 17.25
CA LEU B 88 3.96 -5.52 17.09
C LEU B 88 5.04 -6.36 17.73
N GLN B 89 6.29 -6.09 17.34
CA GLN B 89 7.42 -6.91 17.78
C GLN B 89 8.72 -6.15 17.57
N LEU B 90 9.80 -6.65 18.20
CA LEU B 90 11.15 -6.22 17.85
C LEU B 90 12.06 -7.45 17.68
N HIS B 91 13.13 -7.27 16.91
CA HIS B 91 14.12 -8.31 16.69
C HIS B 91 15.45 -7.62 16.40
N LEU B 92 16.49 -8.45 16.29
CA LEU B 92 17.86 -7.95 16.18
C LEU B 92 18.55 -8.54 14.93
N HIS B 93 19.50 -7.74 14.40
CA HIS B 93 20.43 -8.15 13.36
C HIS B 93 21.83 -7.97 13.93
N TRP B 94 22.74 -8.91 13.61
CA TRP B 94 24.09 -8.97 14.17
C TRP B 94 25.04 -9.74 13.25
N GLY B 95 26.36 -9.70 13.56
CA GLY B 95 27.38 -10.35 12.75
C GLY B 95 27.98 -11.59 13.43
N ALA B 96 29.26 -11.47 13.80
CA ALA B 96 30.09 -12.59 14.26
C ALA B 96 31.41 -12.03 14.77
N ALA B 97 32.21 -12.85 15.40
CA ALA B 97 33.48 -12.40 15.92
C ALA B 97 34.25 -11.58 14.92
N GLY B 98 34.48 -10.34 15.26
CA GLY B 98 35.22 -9.46 14.38
C GLY B 98 34.52 -9.08 13.11
N ARG B 99 33.23 -9.42 13.01
CA ARG B 99 32.45 -9.04 11.85
C ARG B 99 31.16 -8.25 12.22
N PRO B 100 30.98 -7.08 11.62
CA PRO B 100 29.77 -6.30 11.87
C PRO B 100 28.51 -6.88 11.18
N GLY B 101 27.35 -6.64 11.78
CA GLY B 101 26.11 -7.18 11.26
C GLY B 101 24.91 -6.27 11.18
N SER B 102 25.09 -4.97 11.27
CA SER B 102 23.96 -4.07 11.03
C SER B 102 23.45 -4.21 9.60
N GLU B 103 22.16 -3.86 9.37
CA GLU B 103 21.54 -3.96 8.06
C GLU B 103 21.80 -2.68 7.25
N HIS B 104 21.44 -1.55 7.85
CA HIS B 104 21.80 -0.24 7.32
C HIS B 104 23.28 0.02 7.54
N THR B 105 23.86 0.81 6.65
CA THR B 105 25.21 1.35 6.80
C THR B 105 25.18 2.87 6.68
N VAL B 106 26.27 3.51 7.15
CA VAL B 106 26.41 4.96 7.09
C VAL B 106 27.78 5.28 6.50
N GLU B 107 27.76 5.83 5.27
CA GLU B 107 28.94 6.18 4.50
C GLU B 107 29.72 4.88 4.33
N GLY B 108 29.01 3.77 4.14
CA GLY B 108 29.62 2.46 3.97
C GLY B 108 30.04 1.78 5.28
N HIS B 109 29.91 2.45 6.44
CA HIS B 109 30.28 1.80 7.69
C HIS B 109 29.17 0.87 8.18
N ARG B 110 29.54 -0.36 8.56
CA ARG B 110 28.60 -1.30 9.14
C ARG B 110 28.84 -1.35 10.66
N PHE B 111 27.75 -1.23 11.43
CA PHE B 111 27.79 -1.24 12.87
C PHE B 111 27.69 -2.68 13.38
N PRO B 112 28.15 -2.93 14.62
CA PRO B 112 28.15 -4.30 15.17
C PRO B 112 26.77 -4.97 15.08
N ALA B 113 25.70 -4.25 15.43
CA ALA B 113 24.33 -4.80 15.38
C ALA B 113 23.28 -3.70 15.16
N GLU B 114 22.00 -4.10 15.15
CA GLU B 114 20.88 -3.23 14.83
C GLU B 114 19.61 -3.81 15.46
N ILE B 115 18.78 -2.92 16.07
CA ILE B 115 17.45 -3.29 16.55
C ILE B 115 16.39 -2.69 15.62
N HIS B 116 15.38 -3.50 15.30
CA HIS B 116 14.20 -3.10 14.55
C HIS B 116 12.95 -3.23 15.42
N VAL B 117 12.14 -2.18 15.52
CA VAL B 117 10.86 -2.25 16.20
C VAL B 117 9.78 -1.99 15.14
N VAL B 118 8.99 -3.05 14.86
CA VAL B 118 8.04 -3.10 13.75
C VAL B 118 6.67 -2.72 14.29
N HIS B 119 5.98 -1.84 13.55
CA HIS B 119 4.70 -1.26 13.89
C HIS B 119 3.68 -1.37 12.75
N LEU B 120 2.39 -1.36 13.15
CA LEU B 120 1.24 -1.44 12.27
C LEU B 120 0.47 -0.12 12.33
N SER B 121 0.20 0.49 11.17
CA SER B 121 -0.69 1.64 11.09
C SER B 121 -2.02 1.36 11.78
N THR B 122 -2.53 2.34 12.57
CA THR B 122 -3.82 2.23 13.22
C THR B 122 -4.96 2.15 12.20
N ALA B 123 -4.72 2.46 10.93
CA ALA B 123 -5.79 2.38 9.95
C ALA B 123 -6.10 0.93 9.59
N PHE B 124 -5.22 -0.01 9.98
CA PHE B 124 -5.32 -1.41 9.59
C PHE B 124 -5.40 -2.29 10.83
N ALA B 125 -6.24 -3.35 10.75
CA ALA B 125 -6.41 -4.24 11.87
C ALA B 125 -5.43 -5.40 11.81
N ARG B 126 -4.77 -5.64 10.69
CA ARG B 126 -3.89 -6.79 10.61
C ARG B 126 -2.79 -6.51 9.60
N VAL B 127 -1.62 -7.13 9.83
CA VAL B 127 -0.48 -6.99 8.94
C VAL B 127 -0.86 -7.27 7.48
N ASP B 128 -1.58 -8.35 7.20
CA ASP B 128 -1.73 -8.72 5.80
C ASP B 128 -2.50 -7.66 5.02
N GLU B 129 -3.28 -6.77 5.66
CA GLU B 129 -3.99 -5.73 4.92
C GLU B 129 -3.10 -4.53 4.67
N ALA B 130 -2.08 -4.35 5.53
CA ALA B 130 -1.13 -3.25 5.47
C ALA B 130 -0.04 -3.46 4.43
N LEU B 131 0.26 -4.74 4.11
CA LEU B 131 1.42 -5.10 3.30
C LEU B 131 1.31 -4.42 1.94
N GLY B 132 2.38 -3.75 1.51
CA GLY B 132 2.38 -3.07 0.23
C GLY B 132 1.56 -1.79 0.16
N ARG B 133 0.80 -1.51 1.22
CA ARG B 133 0.04 -0.28 1.27
C ARG B 133 0.91 0.85 1.81
N PRO B 134 0.75 2.05 1.27
CA PRO B 134 1.55 3.20 1.67
C PRO B 134 1.52 3.56 3.17
N GLY B 135 2.64 3.46 3.85
CA GLY B 135 2.77 3.84 5.26
C GLY B 135 2.05 2.88 6.21
N GLY B 136 1.69 1.72 5.65
CA GLY B 136 0.98 0.66 6.36
C GLY B 136 1.78 0.04 7.51
N LEU B 137 3.11 -0.06 7.32
CA LEU B 137 4.05 -0.55 8.32
C LEU B 137 5.16 0.49 8.52
N ALA B 138 5.63 0.59 9.76
CA ALA B 138 6.70 1.52 10.11
C ALA B 138 7.70 0.86 11.06
N VAL B 139 8.98 0.96 10.71
CA VAL B 139 10.02 0.35 11.52
C VAL B 139 10.87 1.46 12.17
N LEU B 140 11.08 1.36 13.49
CA LEU B 140 12.10 2.15 14.22
C LEU B 140 13.41 1.33 14.30
N ALA B 141 14.51 1.87 13.74
CA ALA B 141 15.81 1.21 13.74
C ALA B 141 16.89 2.01 14.47
N ALA B 142 17.75 1.33 15.28
CA ALA B 142 18.91 1.94 15.91
C ALA B 142 20.13 1.02 15.79
N PHE B 143 21.30 1.62 15.57
CA PHE B 143 22.51 0.84 15.60
C PHE B 143 22.91 0.54 17.05
N LEU B 144 23.47 -0.67 17.23
CA LEU B 144 24.14 -1.06 18.46
C LEU B 144 25.68 -1.04 18.28
N GLU B 145 26.38 -0.42 19.25
CA GLU B 145 27.83 -0.31 19.21
C GLU B 145 28.40 -0.76 20.56
N GLU B 146 29.72 -0.94 20.66
CA GLU B 146 30.34 -1.35 21.90
C GLU B 146 30.59 -0.13 22.79
N GLY B 147 30.09 -0.23 24.02
CA GLY B 147 30.47 0.70 25.09
C GLY B 147 31.10 -0.03 26.27
N PRO B 148 31.55 0.75 27.28
CA PRO B 148 32.27 0.20 28.44
C PRO B 148 31.42 -0.49 29.49
N GLU B 149 30.10 -0.20 29.51
CA GLU B 149 29.23 -0.70 30.57
C GLU B 149 28.22 -1.70 29.99
N GLU B 150 27.84 -2.65 30.84
CA GLU B 150 26.72 -3.53 30.60
C GLU B 150 25.48 -2.67 30.47
N ASN B 151 24.77 -2.82 29.37
CA ASN B 151 23.46 -2.22 29.17
C ASN B 151 22.39 -3.04 29.92
N SER B 152 21.81 -2.42 30.95
CA SER B 152 20.73 -2.96 31.78
C SER B 152 19.52 -3.53 31.03
N ALA B 153 18.89 -2.70 30.18
CA ALA B 153 17.74 -3.12 29.41
C ALA B 153 18.07 -4.29 28.52
N TYR B 154 19.18 -4.19 27.76
CA TYR B 154 19.57 -5.29 26.90
C TYR B 154 19.83 -6.56 27.71
N GLU B 155 20.36 -6.47 28.94
CA GLU B 155 20.78 -7.66 29.66
C GLU B 155 19.58 -8.58 29.93
N GLN B 156 18.41 -7.97 30.12
CA GLN B 156 17.21 -8.75 30.40
C GLN B 156 16.83 -9.67 29.25
N LEU B 157 17.19 -9.29 28.02
CA LEU B 157 16.92 -10.14 26.89
C LEU B 157 18.09 -11.07 26.69
N LEU B 158 19.31 -10.48 26.74
CA LEU B 158 20.48 -11.24 26.34
C LEU B 158 20.78 -12.33 27.36
N SER B 159 20.37 -12.14 28.64
CA SER B 159 20.61 -13.12 29.69
C SER B 159 19.78 -14.40 29.48
N ARG B 160 18.81 -14.35 28.56
CA ARG B 160 17.91 -15.46 28.33
C ARG B 160 18.19 -16.19 27.02
N LEU B 161 19.17 -15.74 26.22
CA LEU B 161 19.41 -16.36 24.93
C LEU B 161 19.76 -17.83 25.10
N GLU B 162 20.50 -18.16 26.18
CA GLU B 162 20.97 -19.52 26.38
C GLU B 162 19.77 -20.46 26.41
N GLU B 163 18.62 -20.00 26.94
CA GLU B 163 17.42 -20.81 27.09
C GLU B 163 16.77 -21.06 25.73
N ILE B 164 17.09 -20.20 24.74
CA ILE B 164 16.50 -20.33 23.42
C ILE B 164 17.55 -20.55 22.34
N ALA B 165 18.65 -21.22 22.69
CA ALA B 165 19.76 -21.48 21.78
C ALA B 165 19.32 -22.29 20.55
N GLU B 166 18.38 -23.23 20.76
CA GLU B 166 17.93 -24.13 19.71
C GLU B 166 17.01 -23.40 18.73
N GLU B 167 17.19 -23.67 17.44
CA GLU B 167 16.27 -23.15 16.45
C GLU B 167 14.84 -23.51 16.86
N GLY B 168 13.94 -22.52 16.75
CA GLY B 168 12.52 -22.67 17.00
C GLY B 168 12.11 -22.73 18.48
N SER B 169 13.01 -22.40 19.41
CA SER B 169 12.66 -22.41 20.81
C SER B 169 12.17 -21.02 21.23
N GLU B 170 11.51 -20.97 22.38
CA GLU B 170 11.07 -19.69 22.96
C GLU B 170 11.06 -19.80 24.48
N THR B 171 10.90 -18.62 25.10
CA THR B 171 10.81 -18.45 26.53
C THR B 171 9.99 -17.21 26.85
N GLN B 172 9.50 -17.14 28.11
CA GLN B 172 8.76 -15.97 28.59
C GLN B 172 9.74 -15.07 29.35
N VAL B 173 9.67 -13.74 29.10
CA VAL B 173 10.44 -12.76 29.88
C VAL B 173 9.54 -11.70 30.50
N PRO B 174 9.90 -11.18 31.68
CA PRO B 174 9.15 -10.08 32.29
C PRO B 174 9.10 -8.85 31.39
N GLY B 175 8.00 -8.11 31.46
CA GLY B 175 7.93 -6.83 30.78
C GLY B 175 9.03 -5.90 31.29
N LEU B 176 9.43 -4.97 30.42
CA LEU B 176 10.54 -4.05 30.67
C LEU B 176 10.21 -2.73 29.97
N ASP B 177 11.05 -1.71 30.17
CA ASP B 177 10.91 -0.48 29.41
C ASP B 177 11.44 -0.67 27.99
N ILE B 178 10.51 -0.90 27.04
CA ILE B 178 10.91 -1.19 25.68
C ILE B 178 11.68 0.03 25.13
N SER B 179 11.23 1.25 25.41
CA SER B 179 11.94 2.45 24.96
C SER B 179 13.39 2.55 25.48
N ALA B 180 13.80 1.80 26.49
CA ALA B 180 15.21 1.81 26.87
C ALA B 180 16.08 0.90 25.99
N LEU B 181 15.53 0.13 25.05
CA LEU B 181 16.35 -0.51 24.04
C LEU B 181 16.73 0.46 22.91
N LEU B 182 16.14 1.66 22.93
CA LEU B 182 16.35 2.64 21.88
C LEU B 182 17.18 3.79 22.45
N PRO B 183 17.77 4.65 21.57
CA PRO B 183 18.44 5.90 21.95
C PRO B 183 17.51 6.85 22.68
N SER B 184 18.06 7.69 23.57
CA SER B 184 17.26 8.70 24.25
C SER B 184 16.94 9.87 23.31
N ASP B 185 17.69 10.03 22.23
CA ASP B 185 17.40 11.16 21.33
C ASP B 185 16.34 10.78 20.30
N PHE B 186 15.11 11.29 20.47
CA PHE B 186 14.03 10.94 19.56
C PHE B 186 13.80 12.04 18.53
N SER B 187 14.59 13.12 18.62
CA SER B 187 14.37 14.28 17.77
C SER B 187 15.22 14.16 16.50
N ARG B 188 16.26 13.31 16.54
CA ARG B 188 17.25 13.29 15.47
C ARG B 188 17.31 11.94 14.74
N TYR B 189 16.92 11.92 13.44
CA TYR B 189 16.74 10.66 12.71
C TYR B 189 16.66 10.92 11.22
N PHE B 190 17.02 9.87 10.45
CA PHE B 190 16.81 9.77 9.02
C PHE B 190 15.50 9.03 8.74
N GLN B 191 14.73 9.38 7.68
CA GLN B 191 13.53 8.62 7.36
C GLN B 191 13.41 8.45 5.85
N TYR B 192 13.09 7.23 5.41
CA TYR B 192 12.92 6.98 3.99
C TYR B 192 11.86 5.90 3.77
N GLU B 193 11.36 5.81 2.52
CA GLU B 193 10.44 4.73 2.16
C GLU B 193 11.17 3.53 1.53
N GLY B 194 10.85 2.32 2.01
CA GLY B 194 11.45 1.08 1.51
C GLY B 194 10.53 -0.13 1.74
N SER B 195 11.10 -1.22 2.23
CA SER B 195 10.46 -2.53 2.18
C SER B 195 10.78 -3.28 3.45
N LEU B 196 10.03 -4.34 3.74
CA LEU B 196 10.53 -5.41 4.59
C LEU B 196 11.80 -5.98 3.96
N THR B 197 12.70 -6.50 4.81
CA THR B 197 14.00 -6.97 4.36
C THR B 197 14.05 -8.49 4.36
N THR B 198 12.92 -9.12 4.66
CA THR B 198 12.82 -10.55 4.59
C THR B 198 11.55 -10.83 3.81
N PRO B 199 11.37 -12.02 3.18
CA PRO B 199 10.18 -12.26 2.37
C PRO B 199 8.91 -12.09 3.18
N PRO B 200 7.83 -11.47 2.64
CA PRO B 200 7.74 -11.10 1.21
C PRO B 200 8.31 -9.78 0.68
N CYS B 201 9.16 -9.10 1.44
CA CYS B 201 9.81 -7.86 1.04
C CYS B 201 8.85 -6.81 0.48
N ALA B 202 7.59 -6.78 0.94
CA ALA B 202 6.63 -5.76 0.56
C ALA B 202 7.15 -4.31 0.77
N GLN B 203 6.88 -3.43 -0.21
CA GLN B 203 7.20 -2.00 -0.18
C GLN B 203 6.14 -1.20 0.60
N GLY B 204 6.34 0.11 0.73
CA GLY B 204 5.43 1.00 1.45
C GLY B 204 5.76 1.15 2.94
N VAL B 205 6.95 0.67 3.34
CA VAL B 205 7.35 0.63 4.73
C VAL B 205 8.08 1.95 5.05
N ILE B 206 7.70 2.69 6.11
CA ILE B 206 8.44 3.89 6.51
C ILE B 206 9.50 3.46 7.53
N TRP B 207 10.76 3.62 7.14
CA TRP B 207 11.93 3.32 7.95
C TRP B 207 12.46 4.59 8.59
N THR B 208 12.64 4.56 9.92
CA THR B 208 13.19 5.65 10.70
C THR B 208 14.42 5.07 11.41
N VAL B 209 15.60 5.68 11.15
CA VAL B 209 16.89 5.23 11.63
C VAL B 209 17.48 6.35 12.50
N PHE B 210 17.67 6.06 13.80
CA PHE B 210 18.15 7.06 14.75
C PHE B 210 19.58 7.49 14.38
N GLN B 211 19.90 8.76 14.67
CA GLN B 211 21.26 9.29 14.55
C GLN B 211 22.12 8.76 15.71
N GLN B 212 21.63 8.87 16.95
CA GLN B 212 22.33 8.38 18.13
C GLN B 212 22.37 6.84 18.09
N THR B 213 23.46 6.24 18.59
CA THR B 213 23.56 4.79 18.70
C THR B 213 23.32 4.38 20.15
N VAL B 214 23.17 3.06 20.33
CA VAL B 214 22.99 2.44 21.63
C VAL B 214 24.25 1.66 22.02
N MET B 215 24.61 1.73 23.32
CA MET B 215 25.84 1.09 23.84
C MET B 215 25.55 -0.27 24.52
N LEU B 216 26.22 -1.35 24.04
CA LEU B 216 26.29 -2.67 24.67
C LEU B 216 27.76 -3.00 25.02
N SER B 217 28.00 -3.90 25.99
CA SER B 217 29.35 -4.31 26.35
C SER B 217 29.85 -5.32 25.33
N ALA B 218 31.17 -5.50 25.27
CA ALA B 218 31.74 -6.52 24.41
C ALA B 218 31.13 -7.88 24.76
N LYS B 219 30.96 -8.13 26.04
CA LYS B 219 30.40 -9.40 26.48
C LYS B 219 28.97 -9.56 25.93
N GLN B 220 28.17 -8.49 26.03
CA GLN B 220 26.82 -8.50 25.49
C GLN B 220 26.84 -8.77 23.99
N LEU B 221 27.73 -8.08 23.25
CA LEU B 221 27.77 -8.28 21.81
C LEU B 221 28.17 -9.72 21.45
N HIS B 222 29.05 -10.30 22.26
CA HIS B 222 29.48 -11.68 22.07
C HIS B 222 28.32 -12.65 22.34
N THR B 223 27.63 -12.49 23.46
CA THR B 223 26.43 -13.27 23.76
C THR B 223 25.45 -13.29 22.58
N LEU B 224 25.24 -12.13 21.96
CA LEU B 224 24.23 -12.01 20.91
C LEU B 224 24.62 -12.83 19.68
N SER B 225 25.91 -12.74 19.30
CA SER B 225 26.40 -13.37 18.07
C SER B 225 26.82 -14.83 18.29
N ASP B 226 26.95 -15.30 19.54
CA ASP B 226 27.60 -16.58 19.76
C ASP B 226 26.69 -17.57 20.48
N THR B 227 25.41 -17.22 20.75
CA THR B 227 24.59 -18.07 21.60
C THR B 227 23.58 -18.85 20.76
N LEU B 228 23.04 -18.26 19.68
CA LEU B 228 21.86 -18.83 19.04
C LEU B 228 22.27 -19.72 17.87
N TRP B 229 21.46 -20.75 17.62
CA TRP B 229 21.68 -21.65 16.48
C TRP B 229 20.51 -21.58 15.51
N GLY B 230 20.79 -21.66 14.21
CA GLY B 230 19.74 -21.51 13.21
C GLY B 230 19.48 -22.82 12.47
N PRO B 231 19.03 -22.76 11.19
CA PRO B 231 18.90 -23.95 10.34
C PRO B 231 20.20 -24.72 10.21
N GLY B 232 20.07 -26.05 10.06
CA GLY B 232 21.22 -26.92 9.93
C GLY B 232 21.93 -27.09 11.28
N ASP B 233 23.16 -27.57 11.23
CA ASP B 233 24.00 -27.64 12.41
C ASP B 233 24.73 -26.29 12.49
N SER B 234 23.97 -25.19 12.34
CA SER B 234 24.52 -23.89 11.96
C SER B 234 24.28 -22.80 13.01
N ARG B 235 25.29 -21.96 13.26
CA ARG B 235 25.17 -20.84 14.17
C ARG B 235 24.36 -19.73 13.49
N LEU B 236 23.50 -19.04 14.27
CA LEU B 236 22.69 -17.93 13.78
C LEU B 236 23.53 -16.66 13.87
N GLN B 237 24.20 -16.32 12.77
CA GLN B 237 25.11 -15.19 12.71
C GLN B 237 24.95 -14.50 11.36
N LEU B 238 25.39 -13.22 11.27
CA LEU B 238 25.48 -12.50 10.00
C LEU B 238 24.12 -12.47 9.33
N ASN B 239 23.08 -12.16 10.12
CA ASN B 239 21.69 -12.27 9.68
C ASN B 239 21.16 -10.91 9.17
N PHE B 240 21.97 -10.30 8.30
CA PHE B 240 21.62 -9.05 7.63
C PHE B 240 21.55 -9.17 6.10
N ARG B 241 20.61 -8.47 5.48
CA ARG B 241 20.51 -8.43 4.04
C ARG B 241 21.53 -7.45 3.48
N ALA B 242 21.92 -7.63 2.24
CA ALA B 242 22.84 -6.69 1.61
C ALA B 242 22.18 -5.36 1.32
N THR B 243 22.97 -4.31 1.24
CA THR B 243 22.32 -3.02 1.04
C THR B 243 21.76 -2.98 -0.38
N GLN B 244 20.67 -2.23 -0.49
CA GLN B 244 19.90 -2.15 -1.69
C GLN B 244 20.12 -0.74 -2.23
N PRO B 245 20.06 -0.53 -3.56
CA PRO B 245 20.25 0.81 -4.11
C PRO B 245 19.08 1.77 -3.80
N LEU B 246 19.37 3.05 -3.56
CA LEU B 246 18.31 4.02 -3.36
C LEU B 246 17.40 4.15 -4.58
N ASN B 247 17.99 4.08 -5.78
CA ASN B 247 17.24 4.06 -7.02
C ASN B 247 16.40 5.33 -7.18
N GLY B 248 17.00 6.46 -6.78
CA GLY B 248 16.40 7.77 -6.96
C GLY B 248 15.60 8.26 -5.76
N ARG B 249 15.46 7.45 -4.70
CA ARG B 249 14.83 7.94 -3.48
C ARG B 249 15.77 8.91 -2.79
N VAL B 250 15.19 9.86 -2.06
CA VAL B 250 15.89 10.73 -1.13
C VAL B 250 15.60 10.34 0.30
N ILE B 251 16.64 10.26 1.14
CA ILE B 251 16.49 10.06 2.56
C ILE B 251 16.29 11.43 3.20
N GLU B 252 15.30 11.60 4.07
CA GLU B 252 15.14 12.81 4.86
C GLU B 252 15.82 12.71 6.23
N ALA B 253 16.18 13.89 6.75
CA ALA B 253 16.61 14.03 8.13
C ALA B 253 15.78 15.05 8.85
N SER B 254 15.70 14.86 10.16
CA SER B 254 14.88 15.61 11.06
C SER B 254 15.64 16.81 11.63
N PHE B 255 16.87 17.03 11.17
CA PHE B 255 17.81 17.95 11.82
C PHE B 255 18.69 18.52 10.71
N PRO B 256 19.16 19.79 10.84
CA PRO B 256 19.95 20.43 9.79
C PRO B 256 21.35 19.86 9.66
N VAL C 17 -12.58 -29.66 1.41
CA VAL C 17 -11.22 -29.11 1.69
C VAL C 17 -11.05 -29.02 3.21
N SER C 18 -11.00 -27.81 3.80
CA SER C 18 -10.34 -27.59 5.08
C SER C 18 -10.64 -28.71 6.09
N PRO C 19 -9.60 -29.41 6.60
CA PRO C 19 -9.80 -30.67 7.32
C PRO C 19 -10.53 -30.61 8.67
N ALA C 20 -10.23 -29.58 9.49
CA ALA C 20 -10.86 -29.40 10.80
C ALA C 20 -12.37 -29.19 10.64
N CYS C 21 -12.83 -28.76 9.44
CA CYS C 21 -14.25 -28.73 9.10
C CYS C 21 -14.88 -30.12 9.12
N ALA C 22 -14.06 -31.13 9.26
CA ALA C 22 -14.58 -32.49 9.37
C ALA C 22 -14.21 -33.06 10.72
N GLY C 23 -13.89 -32.21 11.67
CA GLY C 23 -13.61 -32.67 13.01
C GLY C 23 -14.80 -33.16 13.80
N ARG C 24 -14.59 -33.92 14.79
CA ARG C 24 -15.64 -34.45 15.66
C ARG C 24 -16.23 -33.42 16.60
N PHE C 25 -15.69 -32.35 16.96
CA PHE C 25 -16.26 -31.38 17.90
C PHE C 25 -16.50 -30.03 17.25
N GLN C 26 -17.60 -29.92 16.53
CA GLN C 26 -17.89 -28.72 15.77
C GLN C 26 -19.05 -27.93 16.39
N SER C 27 -19.24 -26.72 15.84
CA SER C 27 -20.34 -25.82 16.16
C SER C 27 -21.04 -25.41 14.87
N PRO C 28 -22.28 -24.89 14.90
CA PRO C 28 -23.10 -24.76 16.10
C PRO C 28 -23.74 -26.08 16.55
N VAL C 29 -24.46 -26.04 17.67
CA VAL C 29 -25.11 -27.20 18.25
C VAL C 29 -26.51 -26.83 18.72
N ASP C 30 -27.37 -27.86 18.86
CA ASP C 30 -28.67 -27.72 19.49
C ASP C 30 -28.49 -27.75 21.01
N ILE C 31 -29.07 -26.77 21.69
CA ILE C 31 -28.94 -26.63 23.13
C ILE C 31 -30.23 -27.19 23.74
N ARG C 32 -30.06 -28.18 24.63
CA ARG C 32 -31.22 -28.75 25.33
C ARG C 32 -31.05 -28.40 26.79
N PRO C 33 -31.68 -27.31 27.29
CA PRO C 33 -31.39 -26.82 28.63
C PRO C 33 -31.53 -27.91 29.69
N GLN C 34 -32.55 -28.77 29.50
CA GLN C 34 -32.83 -29.88 30.41
C GLN C 34 -31.59 -30.73 30.58
N LEU C 35 -30.78 -30.91 29.53
CA LEU C 35 -29.57 -31.72 29.64
C LEU C 35 -28.30 -30.90 29.91
N ALA C 36 -28.42 -29.58 30.15
CA ALA C 36 -27.24 -28.80 30.46
C ALA C 36 -26.75 -29.16 31.87
N ALA C 37 -25.43 -29.24 32.07
CA ALA C 37 -24.88 -29.45 33.40
C ALA C 37 -24.73 -28.11 34.13
N PHE C 38 -25.44 -27.98 35.25
CA PHE C 38 -25.34 -26.79 36.06
C PHE C 38 -23.95 -26.78 36.69
N SER C 39 -23.22 -25.67 36.49
CA SER C 39 -21.84 -25.53 36.91
C SER C 39 -21.64 -24.22 37.67
N PRO C 40 -21.79 -24.18 39.01
CA PRO C 40 -21.74 -22.91 39.75
C PRO C 40 -20.39 -22.19 39.76
N ALA C 41 -19.36 -22.78 39.16
CA ALA C 41 -18.11 -22.08 38.98
C ALA C 41 -18.21 -21.01 37.87
N LEU C 42 -19.25 -21.10 37.06
CA LEU C 42 -19.46 -20.18 35.96
C LEU C 42 -20.03 -18.89 36.49
N ARG C 43 -19.19 -17.88 36.54
CA ARG C 43 -19.60 -16.61 37.09
C ARG C 43 -19.98 -15.55 36.05
N PRO C 44 -20.51 -14.42 36.51
CA PRO C 44 -20.97 -13.45 35.53
C PRO C 44 -19.85 -12.89 34.64
N LEU C 45 -20.17 -12.74 33.37
CA LEU C 45 -19.19 -12.22 32.42
C LEU C 45 -18.82 -10.78 32.71
N GLU C 46 -17.56 -10.43 32.47
CA GLU C 46 -17.13 -9.06 32.70
C GLU C 46 -16.51 -8.47 31.44
N LEU C 47 -17.03 -7.31 31.04
CA LEU C 47 -16.59 -6.60 29.85
C LEU C 47 -16.04 -5.23 30.25
N LEU C 48 -14.88 -4.85 29.68
CA LEU C 48 -14.31 -3.53 29.82
C LEU C 48 -13.93 -2.97 28.45
N GLY C 49 -14.18 -1.67 28.29
CA GLY C 49 -13.73 -0.93 27.12
C GLY C 49 -14.73 -0.99 25.98
N PHE C 50 -15.95 -1.45 26.25
CA PHE C 50 -16.88 -1.73 25.17
C PHE C 50 -17.71 -0.49 24.85
N GLN C 51 -17.69 0.54 25.73
CA GLN C 51 -18.36 1.79 25.38
C GLN C 51 -17.39 2.75 24.69
N LEU C 52 -17.47 2.72 23.37
CA LEU C 52 -16.57 3.44 22.50
C LEU C 52 -17.11 4.85 22.24
N PRO C 53 -16.21 5.83 22.11
CA PRO C 53 -16.60 7.16 21.64
C PRO C 53 -16.85 7.16 20.14
N PRO C 54 -17.44 8.24 19.58
CA PRO C 54 -17.72 8.35 18.16
C PRO C 54 -16.49 8.21 17.26
N LEU C 55 -15.33 8.72 17.72
CA LEU C 55 -14.08 8.62 16.95
C LEU C 55 -13.04 7.87 17.76
N PRO C 56 -12.16 7.06 17.13
CA PRO C 56 -12.18 6.80 15.67
C PRO C 56 -13.36 5.94 15.21
N GLU C 57 -13.70 6.09 13.93
CA GLU C 57 -14.65 5.25 13.26
C GLU C 57 -14.16 3.80 13.14
N LEU C 58 -15.09 2.89 12.88
CA LEU C 58 -14.88 1.45 12.78
C LEU C 58 -15.22 1.03 11.35
N ARG C 59 -14.57 0.00 10.81
CA ARG C 59 -14.94 -0.46 9.46
C ARG C 59 -16.05 -1.52 9.54
N LEU C 60 -17.08 -1.34 8.72
CA LEU C 60 -18.23 -2.21 8.56
C LEU C 60 -18.20 -2.71 7.13
N ARG C 61 -18.01 -4.02 6.98
CA ARG C 61 -17.82 -4.67 5.69
C ARG C 61 -18.89 -5.75 5.37
N ASN C 62 -19.39 -5.71 4.14
CA ASN C 62 -20.05 -6.86 3.54
C ASN C 62 -19.02 -7.75 2.84
N ASN C 63 -18.70 -8.90 3.44
CA ASN C 63 -17.66 -9.76 2.94
C ASN C 63 -18.25 -10.89 2.10
N GLY C 64 -19.53 -10.82 1.76
CA GLY C 64 -20.11 -11.86 0.92
C GLY C 64 -20.68 -13.02 1.73
N HIS C 65 -20.31 -13.13 3.02
CA HIS C 65 -20.72 -14.25 3.88
C HIS C 65 -21.48 -13.71 5.11
N SER C 66 -21.07 -12.53 5.60
CA SER C 66 -21.79 -11.85 6.65
C SER C 66 -21.59 -10.32 6.55
N VAL C 67 -22.15 -9.59 7.50
CA VAL C 67 -21.75 -8.21 7.76
C VAL C 67 -20.86 -8.26 9.01
N GLN C 68 -19.63 -7.73 8.92
CA GLN C 68 -18.64 -7.80 9.99
C GLN C 68 -18.16 -6.41 10.41
N LEU C 69 -18.19 -6.13 11.72
CA LEU C 69 -17.66 -4.89 12.29
C LEU C 69 -16.30 -5.18 12.92
N THR C 70 -15.24 -4.48 12.45
CA THR C 70 -13.91 -4.66 13.03
C THR C 70 -13.86 -3.82 14.29
N LEU C 71 -13.44 -4.40 15.41
CA LEU C 71 -13.38 -3.69 16.66
C LEU C 71 -11.94 -3.27 16.93
N PRO C 72 -11.75 -2.15 17.66
CA PRO C 72 -10.43 -1.60 17.95
C PRO C 72 -9.76 -2.34 19.09
N PRO C 73 -8.48 -2.10 19.40
CA PRO C 73 -7.89 -2.62 20.64
C PRO C 73 -8.55 -2.05 21.90
N GLY C 74 -8.40 -2.77 23.00
CA GLY C 74 -8.82 -2.29 24.31
C GLY C 74 -10.17 -2.83 24.79
N LEU C 75 -10.81 -3.75 24.05
CA LEU C 75 -12.07 -4.32 24.49
C LEU C 75 -11.76 -5.65 25.19
N GLU C 76 -11.80 -5.63 26.53
CA GLU C 76 -11.38 -6.75 27.34
C GLU C 76 -12.60 -7.52 27.82
N MET C 77 -12.50 -8.85 27.77
CA MET C 77 -13.60 -9.72 28.15
C MET C 77 -13.03 -10.86 29.00
N ALA C 78 -13.64 -11.13 30.15
CA ALA C 78 -13.21 -12.24 30.98
C ALA C 78 -14.36 -13.22 31.23
N LEU C 79 -14.11 -14.51 30.95
CA LEU C 79 -15.08 -15.59 31.19
C LEU C 79 -15.03 -16.05 32.63
N GLY C 80 -14.01 -15.58 33.35
CA GLY C 80 -13.82 -15.82 34.76
C GLY C 80 -12.40 -15.42 35.13
N PRO C 81 -12.02 -15.52 36.42
CA PRO C 81 -10.66 -15.17 36.85
C PRO C 81 -9.59 -15.92 36.08
N GLY C 82 -8.63 -15.19 35.53
CA GLY C 82 -7.56 -15.80 34.75
C GLY C 82 -8.00 -16.42 33.41
N ARG C 83 -9.18 -16.06 32.88
CA ARG C 83 -9.61 -16.48 31.56
C ARG C 83 -9.88 -15.21 30.75
N GLU C 84 -8.80 -14.52 30.32
CA GLU C 84 -8.91 -13.19 29.73
C GLU C 84 -8.77 -13.22 28.21
N TYR C 85 -9.57 -12.34 27.57
CA TYR C 85 -9.69 -12.23 26.13
C TYR C 85 -9.77 -10.75 25.71
N ARG C 86 -9.52 -10.52 24.41
CA ARG C 86 -9.72 -9.23 23.75
C ARG C 86 -10.55 -9.41 22.50
N ALA C 87 -11.49 -8.48 22.30
CA ALA C 87 -12.42 -8.58 21.18
C ALA C 87 -11.72 -8.21 19.88
N LEU C 88 -12.08 -8.91 18.79
CA LEU C 88 -11.56 -8.73 17.44
C LEU C 88 -12.59 -8.14 16.50
N GLN C 89 -13.78 -8.73 16.47
CA GLN C 89 -14.80 -8.35 15.54
C GLN C 89 -16.14 -8.90 16.01
N LEU C 90 -17.21 -8.41 15.38
CA LEU C 90 -18.51 -9.05 15.53
C LEU C 90 -19.13 -9.19 14.15
N HIS C 91 -20.06 -10.13 14.02
CA HIS C 91 -20.80 -10.31 12.77
C HIS C 91 -22.15 -10.94 13.12
N LEU C 92 -23.01 -11.14 12.10
CA LEU C 92 -24.37 -11.64 12.31
C LEU C 92 -24.67 -12.79 11.35
N HIS C 93 -25.59 -13.64 11.80
CA HIS C 93 -26.20 -14.69 10.99
C HIS C 93 -27.72 -14.48 11.05
N TRP C 94 -28.38 -14.70 9.91
CA TRP C 94 -29.80 -14.38 9.73
C TRP C 94 -30.40 -15.23 8.61
N GLY C 95 -31.74 -15.19 8.49
CA GLY C 95 -32.44 -16.05 7.53
C GLY C 95 -32.87 -15.32 6.26
N ALA C 96 -34.21 -15.29 6.05
CA ALA C 96 -34.84 -14.67 4.90
C ALA C 96 -36.30 -14.42 5.25
N ALA C 97 -37.08 -13.82 4.33
CA ALA C 97 -38.48 -13.55 4.61
C ALA C 97 -39.19 -14.84 5.05
N GLY C 98 -39.66 -14.84 6.31
CA GLY C 98 -40.42 -15.94 6.89
C GLY C 98 -39.58 -17.12 7.37
N ARG C 99 -38.23 -17.05 7.26
CA ARG C 99 -37.36 -18.19 7.57
C ARG C 99 -36.33 -17.76 8.61
N PRO C 100 -36.24 -18.45 9.77
CA PRO C 100 -35.25 -18.08 10.79
C PRO C 100 -33.83 -18.49 10.37
N GLY C 101 -32.81 -17.88 10.98
CA GLY C 101 -31.44 -18.05 10.52
C GLY C 101 -30.37 -18.00 11.62
N SER C 102 -30.74 -18.24 12.89
CA SER C 102 -29.75 -18.36 13.96
C SER C 102 -28.88 -19.59 13.70
N GLU C 103 -27.67 -19.62 14.27
CA GLU C 103 -26.78 -20.75 14.08
C GLU C 103 -27.08 -21.83 15.11
N HIS C 104 -27.03 -21.45 16.38
CA HIS C 104 -27.46 -22.30 17.48
C HIS C 104 -28.98 -22.45 17.46
N THR C 105 -29.48 -23.58 17.96
CA THR C 105 -30.92 -23.79 18.18
C THR C 105 -31.12 -24.17 19.64
N VAL C 106 -32.34 -23.93 20.16
CA VAL C 106 -32.72 -24.40 21.48
C VAL C 106 -33.93 -25.33 21.35
N GLU C 107 -33.73 -26.61 21.72
CA GLU C 107 -34.75 -27.64 21.58
C GLU C 107 -35.28 -27.70 20.15
N GLY C 108 -34.38 -27.53 19.17
CA GLY C 108 -34.75 -27.57 17.76
C GLY C 108 -35.25 -26.22 17.22
N HIS C 109 -35.59 -25.26 18.09
CA HIS C 109 -36.11 -23.98 17.63
C HIS C 109 -35.00 -23.07 17.10
N ARG C 110 -35.13 -22.63 15.85
CA ARG C 110 -34.20 -21.67 15.25
C ARG C 110 -34.78 -20.28 15.42
N PHE C 111 -33.96 -19.37 15.97
CA PHE C 111 -34.37 -17.98 16.20
C PHE C 111 -34.10 -17.16 14.95
N PRO C 112 -34.71 -15.96 14.79
CA PRO C 112 -34.56 -15.20 13.54
C PRO C 112 -33.12 -14.86 13.14
N ALA C 113 -32.29 -14.47 14.12
CA ALA C 113 -30.92 -14.09 13.83
C ALA C 113 -30.04 -14.27 15.06
N GLU C 114 -28.73 -14.07 14.90
CA GLU C 114 -27.78 -14.33 15.98
C GLU C 114 -26.56 -13.42 15.78
N ILE C 115 -26.04 -12.86 16.87
CA ILE C 115 -24.81 -12.07 16.86
C ILE C 115 -23.66 -12.85 17.51
N HIS C 116 -22.49 -12.75 16.89
CA HIS C 116 -21.25 -13.31 17.38
C HIS C 116 -20.16 -12.24 17.54
N VAL C 117 -19.59 -12.15 18.74
CA VAL C 117 -18.44 -11.30 19.05
C VAL C 117 -17.26 -12.23 19.29
N VAL C 118 -16.23 -12.15 18.42
CA VAL C 118 -15.10 -13.08 18.42
C VAL C 118 -13.93 -12.44 19.18
N HIS C 119 -13.30 -13.21 20.09
CA HIS C 119 -12.28 -12.74 21.00
C HIS C 119 -11.05 -13.64 20.89
N LEU C 120 -9.87 -13.05 21.17
CA LEU C 120 -8.60 -13.75 21.20
C LEU C 120 -8.06 -13.78 22.62
N SER C 121 -7.65 -14.96 23.08
CA SER C 121 -7.00 -15.06 24.38
C SER C 121 -5.77 -14.15 24.47
N THR C 122 -5.57 -13.54 25.65
CA THR C 122 -4.46 -12.61 25.88
C THR C 122 -3.13 -13.36 25.84
N ALA C 123 -3.14 -14.70 25.91
CA ALA C 123 -1.89 -15.46 25.80
C ALA C 123 -1.30 -15.48 24.39
N PHE C 124 -2.04 -14.98 23.38
CA PHE C 124 -1.68 -15.09 21.98
C PHE C 124 -1.75 -13.74 21.28
N ALA C 125 -0.75 -13.47 20.43
CA ALA C 125 -0.64 -12.20 19.73
C ALA C 125 -1.45 -12.18 18.44
N ARG C 126 -1.80 -13.35 17.90
CA ARG C 126 -2.42 -13.42 16.59
C ARG C 126 -3.38 -14.62 16.51
N VAL C 127 -4.44 -14.45 15.72
CA VAL C 127 -5.40 -15.53 15.52
C VAL C 127 -4.68 -16.83 15.16
N ASP C 128 -3.72 -16.79 14.23
CA ASP C 128 -3.19 -18.02 13.67
C ASP C 128 -2.46 -18.90 14.70
N GLU C 129 -1.88 -18.35 15.75
CA GLU C 129 -1.25 -19.18 16.80
C GLU C 129 -2.30 -19.69 17.80
N ALA C 130 -3.48 -19.04 17.88
CA ALA C 130 -4.58 -19.46 18.73
C ALA C 130 -5.39 -20.61 18.11
N LEU C 131 -5.44 -20.68 16.77
CA LEU C 131 -6.30 -21.62 16.04
C LEU C 131 -6.01 -23.04 16.51
N GLY C 132 -7.03 -23.79 16.86
CA GLY C 132 -6.87 -25.15 17.34
C GLY C 132 -6.29 -25.35 18.74
N ARG C 133 -5.83 -24.28 19.37
CA ARG C 133 -5.32 -24.36 20.71
C ARG C 133 -6.47 -24.25 21.69
N PRO C 134 -6.37 -24.94 22.82
CA PRO C 134 -7.43 -24.92 23.83
C PRO C 134 -7.71 -23.52 24.41
N GLY C 135 -8.95 -23.06 24.31
CA GLY C 135 -9.33 -21.75 24.83
C GLY C 135 -8.70 -20.58 24.10
N GLY C 136 -8.12 -20.85 22.95
CA GLY C 136 -7.45 -19.83 22.11
C GLY C 136 -8.38 -18.73 21.61
N LEU C 137 -9.61 -19.09 21.20
CA LEU C 137 -10.64 -18.15 20.76
C LEU C 137 -11.88 -18.33 21.64
N ALA C 138 -12.61 -17.22 21.87
CA ALA C 138 -13.86 -17.29 22.61
C ALA C 138 -14.89 -16.47 21.86
N VAL C 139 -16.08 -17.05 21.70
CA VAL C 139 -17.15 -16.36 21.00
C VAL C 139 -18.30 -16.12 21.99
N LEU C 140 -18.76 -14.87 22.08
CA LEU C 140 -19.96 -14.53 22.83
C LEU C 140 -21.09 -14.49 21.82
N ALA C 141 -22.17 -15.24 22.10
CA ALA C 141 -23.27 -15.36 21.14
C ALA C 141 -24.62 -15.05 21.79
N ALA C 142 -25.50 -14.38 21.03
CA ALA C 142 -26.82 -14.02 21.51
C ALA C 142 -27.85 -14.18 20.39
N PHE C 143 -29.04 -14.64 20.78
CA PHE C 143 -30.12 -14.75 19.84
C PHE C 143 -30.77 -13.38 19.63
N LEU C 144 -31.17 -13.10 18.38
CA LEU C 144 -32.05 -11.97 18.09
C LEU C 144 -33.46 -12.47 17.77
N GLU C 145 -34.47 -11.91 18.44
CA GLU C 145 -35.87 -12.23 18.16
C GLU C 145 -36.67 -10.95 17.86
N GLU C 146 -37.89 -11.15 17.32
CA GLU C 146 -38.81 -10.06 17.02
C GLU C 146 -39.41 -9.46 18.30
N GLY C 147 -39.41 -8.13 18.39
CA GLY C 147 -40.04 -7.41 19.48
C GLY C 147 -40.91 -6.28 18.94
N PRO C 148 -41.79 -5.67 19.77
CA PRO C 148 -42.63 -4.56 19.33
C PRO C 148 -41.89 -3.22 19.23
N GLU C 149 -40.76 -3.08 19.92
CA GLU C 149 -39.98 -1.85 19.87
C GLU C 149 -38.87 -1.96 18.83
N GLU C 150 -38.54 -0.80 18.24
CA GLU C 150 -37.30 -0.66 17.50
C GLU C 150 -36.13 -0.64 18.49
N ASN C 151 -35.07 -1.36 18.15
CA ASN C 151 -33.85 -1.45 18.95
C ASN C 151 -32.90 -0.32 18.54
N SER C 152 -32.68 0.66 19.43
CA SER C 152 -31.94 1.83 19.03
C SER C 152 -30.45 1.50 18.88
N ALA C 153 -29.95 0.55 19.69
CA ALA C 153 -28.54 0.19 19.63
C ALA C 153 -28.22 -0.37 18.25
N TYR C 154 -29.10 -1.24 17.74
CA TYR C 154 -28.90 -1.92 16.47
C TYR C 154 -29.14 -0.97 15.30
N GLU C 155 -29.98 0.05 15.50
CA GLU C 155 -30.36 0.97 14.43
C GLU C 155 -29.11 1.66 13.89
N GLN C 156 -28.14 1.94 14.79
CA GLN C 156 -26.83 2.48 14.42
C GLN C 156 -26.15 1.66 13.31
N LEU C 157 -26.30 0.33 13.31
CA LEU C 157 -25.61 -0.49 12.33
C LEU C 157 -26.52 -0.78 11.14
N LEU C 158 -27.82 -1.04 11.40
CA LEU C 158 -28.74 -1.47 10.36
C LEU C 158 -29.01 -0.36 9.35
N SER C 159 -29.03 0.88 9.86
CA SER C 159 -29.26 2.05 9.02
C SER C 159 -28.10 2.28 8.05
N ARG C 160 -27.00 1.50 8.18
CA ARG C 160 -25.81 1.66 7.36
C ARG C 160 -25.64 0.55 6.33
N LEU C 161 -26.52 -0.45 6.35
CA LEU C 161 -26.35 -1.64 5.52
C LEU C 161 -26.53 -1.31 4.06
N GLU C 162 -27.38 -0.32 3.76
CA GLU C 162 -27.73 0.07 2.40
C GLU C 162 -26.47 0.48 1.63
N GLU C 163 -25.56 1.21 2.29
CA GLU C 163 -24.27 1.62 1.75
C GLU C 163 -23.33 0.47 1.41
N ILE C 164 -23.45 -0.68 2.09
CA ILE C 164 -22.58 -1.79 1.78
C ILE C 164 -23.34 -2.96 1.16
N ALA C 165 -24.36 -2.66 0.34
CA ALA C 165 -25.23 -3.69 -0.24
C ALA C 165 -24.42 -4.56 -1.19
N GLU C 166 -23.49 -3.95 -1.92
CA GLU C 166 -22.63 -4.66 -2.85
C GLU C 166 -21.74 -5.65 -2.08
N GLU C 167 -21.56 -6.84 -2.65
CA GLU C 167 -20.67 -7.83 -2.08
C GLU C 167 -19.25 -7.28 -2.09
N GLY C 168 -18.55 -7.38 -0.96
CA GLY C 168 -17.16 -6.95 -0.87
C GLY C 168 -16.97 -5.44 -0.65
N SER C 169 -18.04 -4.74 -0.26
CA SER C 169 -18.00 -3.32 -0.03
C SER C 169 -17.85 -3.02 1.47
N GLU C 170 -17.42 -1.81 1.81
CA GLU C 170 -17.31 -1.44 3.21
C GLU C 170 -17.54 0.05 3.40
N THR C 171 -17.67 0.45 4.66
CA THR C 171 -17.89 1.83 5.03
C THR C 171 -17.40 2.05 6.46
N GLN C 172 -17.18 3.30 6.78
CA GLN C 172 -16.76 3.69 8.12
C GLN C 172 -18.00 4.11 8.89
N VAL C 173 -18.12 3.62 10.13
CA VAL C 173 -19.21 3.97 11.00
C VAL C 173 -18.66 4.49 12.34
N PRO C 174 -19.36 5.42 13.04
CA PRO C 174 -18.91 5.92 14.34
C PRO C 174 -18.91 4.82 15.40
N GLY C 175 -18.01 4.96 16.37
CA GLY C 175 -18.01 4.07 17.53
C GLY C 175 -19.35 4.15 18.26
N LEU C 176 -19.66 3.10 19.04
CA LEU C 176 -20.95 2.92 19.70
C LEU C 176 -20.73 2.02 20.91
N ASP C 177 -21.75 1.90 21.77
CA ASP C 177 -21.70 0.98 22.89
C ASP C 177 -21.84 -0.45 22.34
N ILE C 178 -20.74 -1.20 22.29
CA ILE C 178 -20.81 -2.51 21.69
C ILE C 178 -21.68 -3.42 22.57
N SER C 179 -21.59 -3.22 23.90
CA SER C 179 -22.25 -4.12 24.85
C SER C 179 -23.77 -3.89 24.88
N ALA C 180 -24.23 -2.76 24.34
CA ALA C 180 -25.65 -2.55 24.09
C ALA C 180 -26.20 -3.40 22.95
N LEU C 181 -25.36 -4.16 22.23
CA LEU C 181 -25.87 -5.07 21.21
C LEU C 181 -26.11 -6.45 21.81
N LEU C 182 -25.72 -6.63 23.07
CA LEU C 182 -25.81 -7.90 23.76
C LEU C 182 -26.90 -7.79 24.82
N PRO C 183 -27.33 -8.92 25.42
CA PRO C 183 -28.29 -8.89 26.54
C PRO C 183 -27.83 -8.14 27.80
N SER C 184 -28.83 -7.64 28.52
CA SER C 184 -28.63 -7.02 29.82
C SER C 184 -28.11 -8.02 30.86
N ASP C 185 -28.48 -9.31 30.74
CA ASP C 185 -28.13 -10.29 31.75
C ASP C 185 -26.85 -11.05 31.36
N PHE C 186 -25.77 -10.84 32.14
CA PHE C 186 -24.48 -11.44 31.85
C PHE C 186 -24.25 -12.65 32.75
N SER C 187 -25.24 -13.01 33.58
CA SER C 187 -25.04 -14.03 34.59
C SER C 187 -25.62 -15.39 34.16
N ARG C 188 -26.46 -15.40 33.12
CA ARG C 188 -27.20 -16.59 32.72
C ARG C 188 -26.81 -16.98 31.30
N TYR C 189 -26.11 -18.12 31.16
CA TYR C 189 -25.58 -18.51 29.87
C TYR C 189 -25.26 -20.01 29.85
N PHE C 190 -25.21 -20.54 28.63
CA PHE C 190 -24.62 -21.85 28.39
C PHE C 190 -23.17 -21.65 27.95
N GLN C 191 -22.30 -22.61 28.26
CA GLN C 191 -20.95 -22.61 27.71
C GLN C 191 -20.54 -24.00 27.26
N TYR C 192 -19.86 -24.10 26.13
CA TYR C 192 -19.38 -25.38 25.66
C TYR C 192 -18.18 -25.17 24.72
N GLU C 193 -17.47 -26.28 24.46
CA GLU C 193 -16.28 -26.20 23.64
C GLU C 193 -16.63 -26.70 22.25
N GLY C 194 -16.25 -25.91 21.23
CA GLY C 194 -16.58 -26.19 19.85
C GLY C 194 -15.53 -25.69 18.86
N SER C 195 -16.03 -25.13 17.74
CA SER C 195 -15.23 -24.79 16.58
C SER C 195 -15.67 -23.44 16.02
N LEU C 196 -14.84 -22.93 15.09
CA LEU C 196 -15.30 -21.92 14.17
C LEU C 196 -16.33 -22.55 13.25
N THR C 197 -17.27 -21.75 12.76
CA THR C 197 -18.35 -22.26 11.94
C THR C 197 -18.09 -21.98 10.46
N THR C 198 -16.94 -21.39 10.14
CA THR C 198 -16.54 -21.15 8.77
C THR C 198 -15.14 -21.71 8.61
N PRO C 199 -14.69 -22.09 7.39
CA PRO C 199 -13.33 -22.60 7.23
C PRO C 199 -12.33 -21.62 7.85
N PRO C 200 -11.25 -22.06 8.54
CA PRO C 200 -10.91 -23.48 8.71
C PRO C 200 -11.66 -24.37 9.73
N CYS C 201 -12.65 -23.82 10.45
CA CYS C 201 -13.42 -24.59 11.42
C CYS C 201 -12.53 -25.20 12.49
N ALA C 202 -11.52 -24.45 12.97
CA ALA C 202 -10.63 -24.95 14.00
C ALA C 202 -11.37 -25.14 15.31
N GLN C 203 -11.00 -26.22 16.05
CA GLN C 203 -11.58 -26.56 17.34
C GLN C 203 -10.83 -25.86 18.47
N GLY C 204 -11.28 -26.04 19.72
CA GLY C 204 -10.65 -25.38 20.84
C GLY C 204 -11.32 -24.04 21.19
N VAL C 205 -12.46 -23.75 20.54
CA VAL C 205 -13.10 -22.45 20.70
C VAL C 205 -14.08 -22.55 21.87
N ILE C 206 -14.08 -21.57 22.77
CA ILE C 206 -15.07 -21.58 23.84
C ILE C 206 -16.24 -20.72 23.41
N TRP C 207 -17.41 -21.34 23.35
CA TRP C 207 -18.64 -20.69 22.96
C TRP C 207 -19.48 -20.37 24.19
N THR C 208 -19.87 -19.10 24.33
CA THR C 208 -20.78 -18.74 25.41
C THR C 208 -22.05 -18.24 24.75
N VAL C 209 -23.22 -18.82 25.13
CA VAL C 209 -24.51 -18.51 24.51
C VAL C 209 -25.45 -18.01 25.60
N PHE C 210 -25.88 -16.74 25.49
CA PHE C 210 -26.70 -16.08 26.49
C PHE C 210 -28.07 -16.73 26.49
N GLN C 211 -28.65 -16.83 27.70
CA GLN C 211 -30.04 -17.28 27.85
C GLN C 211 -31.02 -16.17 27.45
N GLN C 212 -30.83 -14.94 27.90
CA GLN C 212 -31.68 -13.81 27.50
C GLN C 212 -31.40 -13.48 26.03
N THR C 213 -32.46 -13.09 25.31
CA THR C 213 -32.36 -12.71 23.91
C THR C 213 -32.37 -11.18 23.77
N VAL C 214 -32.09 -10.72 22.55
CA VAL C 214 -32.16 -9.30 22.20
C VAL C 214 -33.33 -9.13 21.26
N MET C 215 -34.13 -8.06 21.47
CA MET C 215 -35.33 -7.85 20.68
C MET C 215 -35.09 -6.81 19.57
N LEU C 216 -35.29 -7.22 18.32
CA LEU C 216 -35.31 -6.31 17.18
C LEU C 216 -36.75 -6.20 16.70
N SER C 217 -37.06 -5.09 16.03
CA SER C 217 -38.38 -4.89 15.44
C SER C 217 -38.47 -5.69 14.14
N ALA C 218 -39.71 -6.00 13.73
CA ALA C 218 -39.94 -6.78 12.53
C ALA C 218 -39.26 -6.10 11.34
N LYS C 219 -39.30 -4.76 11.33
CA LYS C 219 -38.70 -3.97 10.26
C LYS C 219 -37.17 -4.11 10.25
N GLN C 220 -36.53 -4.01 11.43
CA GLN C 220 -35.09 -4.14 11.54
C GLN C 220 -34.63 -5.51 11.04
N LEU C 221 -35.34 -6.58 11.43
CA LEU C 221 -35.04 -7.93 10.99
C LEU C 221 -35.18 -8.05 9.47
N HIS C 222 -36.12 -7.31 8.86
CA HIS C 222 -36.24 -7.34 7.41
C HIS C 222 -35.08 -6.57 6.75
N THR C 223 -34.66 -5.48 7.38
CA THR C 223 -33.50 -4.74 6.90
C THR C 223 -32.26 -5.66 6.90
N LEU C 224 -32.10 -6.42 7.99
CA LEU C 224 -30.94 -7.28 8.15
C LEU C 224 -30.91 -8.32 7.05
N SER C 225 -32.09 -8.91 6.76
CA SER C 225 -32.13 -10.09 5.91
C SER C 225 -32.32 -9.72 4.45
N ASP C 226 -32.73 -8.49 4.11
CA ASP C 226 -33.12 -8.21 2.74
C ASP C 226 -32.25 -7.13 2.07
N THR C 227 -31.14 -6.70 2.69
CA THR C 227 -30.42 -5.53 2.19
C THR C 227 -29.14 -5.94 1.46
N LEU C 228 -28.42 -6.95 1.97
CA LEU C 228 -27.09 -7.24 1.48
C LEU C 228 -27.12 -8.28 0.38
N TRP C 229 -26.14 -8.21 -0.53
CA TRP C 229 -25.99 -9.14 -1.64
C TRP C 229 -24.70 -9.94 -1.47
N GLY C 230 -24.69 -11.12 -2.10
CA GLY C 230 -23.63 -12.09 -1.85
C GLY C 230 -22.98 -12.51 -3.16
N PRO C 231 -22.20 -13.62 -3.18
CA PRO C 231 -21.62 -14.14 -4.42
C PRO C 231 -22.69 -14.46 -5.47
N GLY C 232 -22.24 -14.58 -6.72
CA GLY C 232 -23.15 -14.60 -7.86
C GLY C 232 -23.98 -13.33 -7.84
N ASP C 233 -25.24 -13.42 -8.28
CA ASP C 233 -26.10 -12.25 -8.23
C ASP C 233 -27.31 -12.62 -7.38
N SER C 234 -27.03 -13.01 -6.12
CA SER C 234 -28.06 -13.49 -5.20
C SER C 234 -27.93 -12.83 -3.82
N ARG C 235 -29.06 -12.69 -3.13
CA ARG C 235 -29.07 -12.05 -1.82
C ARG C 235 -28.23 -12.84 -0.83
N LEU C 236 -27.61 -12.12 0.11
CA LEU C 236 -26.92 -12.72 1.25
C LEU C 236 -27.98 -13.05 2.31
N GLN C 237 -28.35 -14.33 2.36
CA GLN C 237 -29.41 -14.80 3.26
C GLN C 237 -29.14 -16.23 3.69
N LEU C 238 -29.65 -16.59 4.87
CA LEU C 238 -29.61 -17.97 5.34
C LEU C 238 -28.16 -18.37 5.56
N ASN C 239 -27.39 -17.41 6.06
CA ASN C 239 -25.94 -17.59 6.27
C ASN C 239 -25.61 -18.30 7.55
N PHE C 240 -26.21 -19.47 7.76
CA PHE C 240 -25.94 -20.24 8.94
C PHE C 240 -25.50 -21.65 8.63
N ARG C 241 -24.67 -22.20 9.49
CA ARG C 241 -24.21 -23.56 9.32
C ARG C 241 -25.21 -24.55 9.92
N ALA C 242 -25.25 -25.74 9.37
CA ALA C 242 -26.13 -26.78 9.91
C ALA C 242 -25.64 -27.16 11.30
N THR C 243 -26.59 -27.41 12.21
CA THR C 243 -26.21 -27.85 13.56
C THR C 243 -25.37 -29.11 13.45
N GLN C 244 -24.48 -29.28 14.44
CA GLN C 244 -23.52 -30.37 14.46
C GLN C 244 -23.77 -31.15 15.73
N PRO C 245 -23.46 -32.48 15.74
CA PRO C 245 -23.72 -33.30 16.94
C PRO C 245 -22.75 -33.02 18.09
N LEU C 246 -23.24 -33.21 19.33
CA LEU C 246 -22.39 -32.95 20.47
C LEU C 246 -21.29 -34.00 20.56
N ASN C 247 -21.54 -35.20 20.01
CA ASN C 247 -20.59 -36.30 20.01
C ASN C 247 -19.96 -36.53 21.40
N GLY C 248 -20.80 -36.48 22.44
CA GLY C 248 -20.37 -36.79 23.79
C GLY C 248 -20.01 -35.56 24.63
N ARG C 249 -19.98 -34.37 24.01
CA ARG C 249 -19.67 -33.17 24.76
C ARG C 249 -20.86 -32.85 25.64
N VAL C 250 -20.59 -32.21 26.78
CA VAL C 250 -21.64 -31.78 27.68
C VAL C 250 -21.63 -30.25 27.74
N ILE C 251 -22.79 -29.63 27.50
CA ILE C 251 -22.95 -28.18 27.60
C ILE C 251 -23.15 -27.83 29.07
N GLU C 252 -22.45 -26.81 29.58
CA GLU C 252 -22.68 -26.33 30.93
C GLU C 252 -23.70 -25.17 30.91
N ALA C 253 -24.38 -24.96 32.05
CA ALA C 253 -25.13 -23.74 32.27
C ALA C 253 -24.67 -23.06 33.54
N SER C 254 -24.79 -21.71 33.59
CA SER C 254 -24.36 -20.89 34.71
C SER C 254 -25.44 -20.78 35.78
N PHE C 255 -26.58 -21.44 35.54
CA PHE C 255 -27.75 -21.27 36.41
C PHE C 255 -28.44 -22.62 36.55
N PRO C 256 -29.11 -22.89 37.70
CA PRO C 256 -29.77 -24.19 37.92
C PRO C 256 -31.03 -24.37 37.13
N VAL D 17 18.80 -9.30 -45.66
CA VAL D 17 18.25 -9.17 -47.05
C VAL D 17 16.96 -8.34 -47.00
N SER D 18 16.84 -7.41 -46.03
CA SER D 18 15.90 -6.30 -46.11
C SER D 18 16.70 -5.07 -46.49
N PRO D 19 16.47 -4.47 -47.68
CA PRO D 19 17.13 -3.22 -48.07
C PRO D 19 17.13 -2.12 -47.02
N ALA D 20 16.10 -2.11 -46.16
CA ALA D 20 15.95 -1.13 -45.07
C ALA D 20 17.16 -1.17 -44.11
N CYS D 21 17.76 -2.36 -43.99
CA CYS D 21 18.94 -2.58 -43.15
C CYS D 21 20.17 -1.83 -43.68
N ALA D 22 20.15 -1.40 -44.95
CA ALA D 22 21.23 -0.58 -45.47
C ALA D 22 20.88 0.90 -45.40
N GLY D 23 19.89 1.29 -44.58
CA GLY D 23 19.58 2.72 -44.49
C GLY D 23 20.78 3.49 -43.90
N ARG D 24 20.71 4.81 -43.97
CA ARG D 24 21.77 5.70 -43.48
C ARG D 24 21.75 5.89 -41.96
N PHE D 25 20.67 5.54 -41.26
CA PHE D 25 20.55 5.91 -39.84
C PHE D 25 20.14 4.68 -39.04
N GLN D 26 21.09 3.75 -38.94
CA GLN D 26 20.86 2.46 -38.31
C GLN D 26 21.40 2.49 -36.87
N SER D 27 20.95 1.50 -36.11
CA SER D 27 21.42 1.17 -34.78
C SER D 27 21.94 -0.26 -34.77
N PRO D 28 22.78 -0.67 -33.80
CA PRO D 28 23.29 0.19 -32.72
C PRO D 28 24.48 1.04 -33.16
N VAL D 29 24.94 1.92 -32.26
CA VAL D 29 26.04 2.82 -32.55
C VAL D 29 27.10 2.69 -31.46
N ASP D 30 28.34 3.08 -31.78
CA ASP D 30 29.39 3.27 -30.79
C ASP D 30 29.21 4.64 -30.16
N ILE D 31 29.02 4.69 -28.82
CA ILE D 31 28.90 5.94 -28.10
C ILE D 31 30.30 6.41 -27.72
N ARG D 32 30.58 7.69 -28.00
CA ARG D 32 31.80 8.33 -27.55
C ARG D 32 31.42 9.52 -26.67
N PRO D 33 31.45 9.36 -25.33
CA PRO D 33 30.94 10.38 -24.42
C PRO D 33 31.55 11.75 -24.63
N GLN D 34 32.82 11.80 -25.08
CA GLN D 34 33.50 13.08 -25.26
C GLN D 34 33.03 13.81 -26.52
N LEU D 35 32.44 13.08 -27.47
CA LEU D 35 31.85 13.69 -28.65
C LEU D 35 30.33 13.88 -28.51
N ALA D 36 29.74 13.44 -27.39
CA ALA D 36 28.32 13.65 -27.15
C ALA D 36 28.05 15.12 -26.87
N ALA D 37 26.86 15.62 -27.23
CA ALA D 37 26.50 17.00 -26.98
C ALA D 37 25.62 17.12 -25.74
N PHE D 38 26.07 17.93 -24.76
CA PHE D 38 25.30 18.23 -23.58
C PHE D 38 24.09 19.05 -24.00
N SER D 39 22.89 18.50 -23.77
CA SER D 39 21.65 19.17 -24.12
C SER D 39 20.78 19.34 -22.88
N PRO D 40 20.82 20.53 -22.23
CA PRO D 40 20.09 20.74 -20.98
C PRO D 40 18.59 20.46 -21.02
N ALA D 41 17.97 20.51 -22.22
CA ALA D 41 16.54 20.29 -22.38
C ALA D 41 16.10 18.86 -22.03
N LEU D 42 17.03 17.90 -22.09
CA LEU D 42 16.76 16.50 -21.79
C LEU D 42 16.45 16.34 -20.32
N ARG D 43 15.23 15.88 -20.01
CA ARG D 43 14.75 15.87 -18.64
C ARG D 43 14.78 14.45 -18.09
N PRO D 44 14.53 14.24 -16.78
CA PRO D 44 14.45 12.89 -16.25
C PRO D 44 13.30 12.05 -16.83
N LEU D 45 13.61 10.80 -17.15
CA LEU D 45 12.65 9.87 -17.69
C LEU D 45 11.54 9.62 -16.65
N GLU D 46 10.29 9.52 -17.10
CA GLU D 46 9.16 9.26 -16.21
C GLU D 46 8.55 7.92 -16.59
N LEU D 47 8.55 6.95 -15.67
CA LEU D 47 8.03 5.62 -15.97
C LEU D 47 6.96 5.27 -14.93
N LEU D 48 5.67 5.38 -15.27
CA LEU D 48 4.56 4.99 -14.40
C LEU D 48 3.92 3.65 -14.80
N GLY D 49 3.43 2.92 -13.78
CA GLY D 49 2.75 1.66 -13.96
C GLY D 49 3.68 0.47 -14.19
N PHE D 50 4.98 0.61 -13.90
CA PHE D 50 5.91 -0.46 -14.19
C PHE D 50 5.93 -1.47 -13.05
N GLN D 51 5.40 -1.13 -11.85
CA GLN D 51 5.47 -2.08 -10.74
C GLN D 51 4.26 -3.02 -10.84
N LEU D 52 4.40 -4.12 -11.58
CA LEU D 52 3.26 -4.99 -11.87
C LEU D 52 2.98 -5.93 -10.69
N PRO D 53 1.68 -6.23 -10.42
CA PRO D 53 1.31 -7.23 -9.42
C PRO D 53 1.54 -8.63 -9.99
N PRO D 54 1.43 -9.71 -9.17
CA PRO D 54 1.78 -11.06 -9.61
C PRO D 54 0.78 -11.63 -10.60
N LEU D 55 -0.45 -11.09 -10.61
CA LEU D 55 -1.50 -11.55 -11.50
C LEU D 55 -2.13 -10.35 -12.22
N PRO D 56 -2.34 -10.42 -13.55
CA PRO D 56 -2.05 -11.63 -14.36
C PRO D 56 -0.58 -11.89 -14.67
N GLU D 57 -0.34 -13.11 -15.19
CA GLU D 57 0.98 -13.57 -15.59
C GLU D 57 1.40 -12.94 -16.92
N LEU D 58 2.68 -13.07 -17.27
CA LEU D 58 3.20 -12.49 -18.50
C LEU D 58 3.80 -13.61 -19.33
N ARG D 59 3.69 -13.48 -20.66
CA ARG D 59 4.26 -14.42 -21.62
C ARG D 59 5.76 -14.16 -21.76
N LEU D 60 6.57 -15.20 -21.51
CA LEU D 60 8.00 -15.21 -21.76
C LEU D 60 8.32 -16.27 -22.80
N ARG D 61 8.90 -15.86 -23.94
CA ARG D 61 8.98 -16.71 -25.12
C ARG D 61 10.42 -16.73 -25.61
N ASN D 62 10.96 -17.91 -25.92
CA ASN D 62 12.17 -18.05 -26.71
C ASN D 62 11.74 -18.14 -28.17
N ASN D 63 12.12 -17.13 -28.96
CA ASN D 63 11.67 -17.02 -30.33
C ASN D 63 12.83 -17.40 -31.27
N GLY D 64 13.91 -17.93 -30.71
CA GLY D 64 15.06 -18.34 -31.49
C GLY D 64 15.98 -17.17 -31.81
N HIS D 65 15.55 -15.93 -31.56
CA HIS D 65 16.41 -14.77 -31.73
C HIS D 65 16.78 -14.15 -30.36
N SER D 66 15.85 -14.21 -29.39
CA SER D 66 16.07 -13.66 -28.06
C SER D 66 15.08 -14.32 -27.10
N VAL D 67 15.14 -13.96 -25.81
CA VAL D 67 14.02 -14.18 -24.91
C VAL D 67 13.25 -12.87 -24.81
N GLN D 68 11.92 -12.97 -24.93
CA GLN D 68 11.05 -11.81 -25.01
C GLN D 68 9.90 -11.94 -24.01
N LEU D 69 9.78 -10.93 -23.15
CA LEU D 69 8.66 -10.77 -22.22
C LEU D 69 7.64 -9.77 -22.75
N THR D 70 6.37 -10.22 -22.88
CA THR D 70 5.26 -9.37 -23.29
C THR D 70 4.75 -8.57 -22.08
N LEU D 71 4.70 -7.24 -22.22
CA LEU D 71 4.23 -6.36 -21.16
C LEU D 71 2.75 -6.05 -21.34
N PRO D 72 1.94 -5.91 -20.26
CA PRO D 72 0.53 -5.59 -20.42
C PRO D 72 0.33 -4.11 -20.70
N PRO D 73 -0.91 -3.67 -20.98
CA PRO D 73 -1.24 -2.25 -21.01
C PRO D 73 -0.92 -1.57 -19.68
N GLY D 74 -0.59 -0.28 -19.75
CA GLY D 74 -0.62 0.58 -18.57
C GLY D 74 0.77 1.01 -18.14
N LEU D 75 1.80 0.61 -18.88
CA LEU D 75 3.15 1.01 -18.58
C LEU D 75 3.43 2.29 -19.38
N GLU D 76 3.36 3.45 -18.73
CA GLU D 76 3.42 4.71 -19.44
C GLU D 76 4.79 5.35 -19.21
N MET D 77 5.29 6.05 -20.23
CA MET D 77 6.66 6.54 -20.22
C MET D 77 6.73 7.82 -21.03
N ALA D 78 7.45 8.82 -20.48
CA ALA D 78 7.61 10.09 -21.15
C ALA D 78 9.09 10.41 -21.34
N LEU D 79 9.44 10.87 -22.55
CA LEU D 79 10.79 11.33 -22.83
C LEU D 79 10.85 12.85 -22.62
N GLY D 80 9.68 13.48 -22.45
CA GLY D 80 9.56 14.91 -22.51
C GLY D 80 8.12 15.33 -22.27
N PRO D 81 7.87 16.63 -21.98
CA PRO D 81 6.50 17.12 -21.83
C PRO D 81 5.68 16.89 -23.11
N GLY D 82 4.56 16.18 -22.94
CA GLY D 82 3.70 15.85 -24.07
C GLY D 82 4.26 14.76 -24.99
N ARG D 83 5.38 14.11 -24.63
CA ARG D 83 6.01 13.13 -25.50
C ARG D 83 5.93 11.75 -24.87
N GLU D 84 4.75 11.12 -24.98
CA GLU D 84 4.38 9.97 -24.16
C GLU D 84 4.29 8.68 -24.96
N TYR D 85 4.59 7.57 -24.25
CA TYR D 85 4.80 6.23 -24.78
C TYR D 85 4.14 5.16 -23.91
N ARG D 86 3.80 4.00 -24.51
CA ARG D 86 3.41 2.82 -23.76
C ARG D 86 4.39 1.69 -24.03
N ALA D 87 4.75 0.93 -22.99
CA ALA D 87 5.68 -0.19 -23.14
C ALA D 87 4.99 -1.42 -23.74
N LEU D 88 5.69 -2.12 -24.65
CA LEU D 88 5.13 -3.23 -25.42
C LEU D 88 5.69 -4.58 -24.98
N GLN D 89 7.01 -4.62 -24.86
CA GLN D 89 7.75 -5.84 -24.61
C GLN D 89 9.15 -5.46 -24.15
N LEU D 90 9.88 -6.46 -23.64
CA LEU D 90 11.30 -6.31 -23.41
C LEU D 90 12.02 -7.59 -23.84
N HIS D 91 13.31 -7.44 -24.14
CA HIS D 91 14.12 -8.56 -24.60
C HIS D 91 15.58 -8.27 -24.29
N LEU D 92 16.43 -9.31 -24.45
CA LEU D 92 17.84 -9.22 -24.11
C LEU D 92 18.78 -9.54 -25.27
N HIS D 93 20.00 -9.00 -25.15
CA HIS D 93 21.11 -9.27 -26.05
C HIS D 93 22.35 -9.66 -25.21
N TRP D 94 23.09 -10.68 -25.63
CA TRP D 94 24.19 -11.23 -24.85
C TRP D 94 25.21 -11.95 -25.73
N GLY D 95 26.26 -12.49 -25.15
CA GLY D 95 27.23 -13.12 -25.99
C GLY D 95 27.42 -14.58 -25.72
N ALA D 96 28.64 -14.93 -25.36
CA ALA D 96 28.91 -16.30 -24.97
C ALA D 96 30.10 -16.37 -24.04
N ALA D 97 30.29 -17.54 -23.45
CA ALA D 97 31.40 -17.74 -22.55
C ALA D 97 32.60 -17.02 -23.04
N GLY D 98 33.10 -16.13 -22.21
CA GLY D 98 34.24 -15.34 -22.61
C GLY D 98 33.99 -14.49 -23.84
N ARG D 99 32.88 -13.76 -23.87
CA ARG D 99 32.55 -12.94 -25.02
C ARG D 99 31.34 -12.06 -24.74
N PRO D 100 31.56 -10.76 -24.68
CA PRO D 100 30.44 -9.84 -24.44
C PRO D 100 29.47 -9.80 -25.63
N GLY D 101 28.24 -9.37 -25.38
CA GLY D 101 27.23 -9.33 -26.43
C GLY D 101 26.31 -8.13 -26.34
N SER D 102 26.76 -7.00 -25.79
CA SER D 102 25.98 -5.77 -25.88
C SER D 102 25.92 -5.32 -27.34
N GLU D 103 24.88 -4.55 -27.69
CA GLU D 103 24.73 -4.00 -29.03
C GLU D 103 25.45 -2.65 -29.12
N HIS D 104 25.06 -1.73 -28.22
CA HIS D 104 25.77 -0.46 -28.10
C HIS D 104 27.13 -0.77 -27.48
N THR D 105 28.08 0.13 -27.72
CA THR D 105 29.43 0.08 -27.20
C THR D 105 29.80 1.49 -26.76
N VAL D 106 30.77 1.57 -25.85
CA VAL D 106 31.24 2.86 -25.38
C VAL D 106 32.75 2.92 -25.62
N GLU D 107 33.16 3.91 -26.43
CA GLU D 107 34.55 4.08 -26.83
C GLU D 107 35.12 2.70 -27.20
N GLY D 108 34.36 1.91 -27.97
CA GLY D 108 34.84 0.63 -28.49
C GLY D 108 34.51 -0.56 -27.59
N HIS D 109 34.19 -0.32 -26.31
CA HIS D 109 33.99 -1.38 -25.34
C HIS D 109 32.61 -2.05 -25.49
N ARG D 110 32.61 -3.37 -25.61
CA ARG D 110 31.38 -4.16 -25.56
C ARG D 110 31.15 -4.61 -24.11
N PHE D 111 29.91 -4.48 -23.62
CA PHE D 111 29.53 -4.91 -22.29
C PHE D 111 28.98 -6.32 -22.37
N PRO D 112 29.02 -7.10 -21.26
CA PRO D 112 28.48 -8.47 -21.29
C PRO D 112 27.11 -8.62 -21.94
N ALA D 113 26.15 -7.74 -21.60
CA ALA D 113 24.79 -7.89 -22.12
C ALA D 113 24.03 -6.55 -22.10
N GLU D 114 22.77 -6.58 -22.57
CA GLU D 114 22.00 -5.37 -22.85
C GLU D 114 20.51 -5.70 -22.79
N ILE D 115 19.77 -4.80 -22.14
CA ILE D 115 18.32 -4.94 -22.04
C ILE D 115 17.67 -3.81 -22.86
N HIS D 116 16.62 -4.16 -23.58
CA HIS D 116 15.88 -3.22 -24.39
C HIS D 116 14.41 -3.26 -23.99
N VAL D 117 13.85 -2.10 -23.62
CA VAL D 117 12.43 -2.00 -23.36
C VAL D 117 11.79 -1.13 -24.44
N VAL D 118 10.94 -1.76 -25.22
CA VAL D 118 10.44 -1.19 -26.46
C VAL D 118 9.06 -0.57 -26.24
N HIS D 119 8.87 0.69 -26.66
CA HIS D 119 7.61 1.37 -26.46
C HIS D 119 7.03 1.96 -27.75
N LEU D 120 5.69 2.14 -27.77
CA LEU D 120 4.98 2.78 -28.85
C LEU D 120 4.49 4.16 -28.44
N SER D 121 4.73 5.18 -29.27
CA SER D 121 4.11 6.49 -29.07
C SER D 121 2.60 6.38 -28.97
N THR D 122 2.03 7.09 -27.99
CA THR D 122 0.60 7.09 -27.77
C THR D 122 -0.04 7.97 -28.83
N ALA D 123 0.75 8.66 -29.68
CA ALA D 123 0.18 9.28 -30.86
C ALA D 123 -0.26 8.25 -31.92
N PHE D 124 0.12 6.97 -31.78
CA PHE D 124 -0.22 5.89 -32.71
C PHE D 124 -0.93 4.72 -32.03
N ALA D 125 -2.06 4.29 -32.60
CA ALA D 125 -2.84 3.18 -32.06
C ALA D 125 -2.13 1.84 -32.23
N ARG D 126 -1.30 1.69 -33.27
CA ARG D 126 -0.70 0.40 -33.60
C ARG D 126 0.79 0.58 -33.92
N VAL D 127 1.54 -0.48 -33.68
CA VAL D 127 2.96 -0.51 -34.00
C VAL D 127 3.17 -0.33 -35.50
N ASP D 128 2.28 -0.91 -36.33
CA ASP D 128 2.56 -0.88 -37.76
C ASP D 128 2.44 0.54 -38.35
N GLU D 129 1.54 1.38 -37.84
CA GLU D 129 1.52 2.80 -38.19
C GLU D 129 2.79 3.54 -37.78
N ALA D 130 3.44 3.12 -36.68
CA ALA D 130 4.57 3.86 -36.10
C ALA D 130 5.92 3.54 -36.74
N LEU D 131 6.06 2.34 -37.35
CA LEU D 131 7.29 1.91 -38.01
C LEU D 131 7.70 2.84 -39.17
N GLY D 132 8.92 3.36 -39.09
CA GLY D 132 9.45 4.31 -40.06
C GLY D 132 9.13 5.76 -39.73
N ARG D 133 8.20 6.02 -38.81
CA ARG D 133 7.82 7.40 -38.52
C ARG D 133 8.72 7.90 -37.39
N PRO D 134 9.08 9.21 -37.41
CA PRO D 134 9.99 9.78 -36.41
C PRO D 134 9.40 9.83 -34.99
N GLY D 135 10.08 9.15 -34.07
CA GLY D 135 9.68 8.98 -32.69
C GLY D 135 8.51 8.03 -32.50
N GLY D 136 8.14 7.27 -33.54
CA GLY D 136 7.04 6.35 -33.43
C GLY D 136 7.31 5.30 -32.35
N LEU D 137 8.53 4.78 -32.35
CA LEU D 137 8.95 3.77 -31.38
C LEU D 137 10.07 4.38 -30.57
N ALA D 138 10.14 4.00 -29.28
CA ALA D 138 11.21 4.43 -28.39
C ALA D 138 11.67 3.23 -27.58
N VAL D 139 12.99 3.05 -27.51
CA VAL D 139 13.59 1.94 -26.81
C VAL D 139 14.43 2.50 -25.66
N LEU D 140 14.16 2.02 -24.45
CA LEU D 140 15.08 2.23 -23.34
C LEU D 140 16.07 1.06 -23.29
N ALA D 141 17.35 1.40 -23.24
CA ALA D 141 18.42 0.41 -23.25
C ALA D 141 19.35 0.60 -22.08
N ALA D 142 19.70 -0.47 -21.36
CA ALA D 142 20.78 -0.44 -20.36
C ALA D 142 21.75 -1.60 -20.55
N PHE D 143 23.03 -1.32 -20.26
CA PHE D 143 24.07 -2.34 -20.24
C PHE D 143 23.97 -3.16 -18.96
N LEU D 144 24.22 -4.48 -19.09
CA LEU D 144 24.37 -5.42 -17.99
C LEU D 144 25.86 -5.78 -17.84
N GLU D 145 26.44 -5.53 -16.64
CA GLU D 145 27.84 -5.86 -16.30
C GLU D 145 27.90 -6.99 -15.26
N GLU D 146 29.10 -7.54 -15.06
CA GLU D 146 29.37 -8.45 -13.96
C GLU D 146 29.55 -7.72 -12.62
N GLY D 147 28.74 -8.09 -11.62
CA GLY D 147 28.93 -7.63 -10.26
C GLY D 147 29.08 -8.80 -9.28
N PRO D 148 29.49 -8.56 -8.01
CA PRO D 148 29.64 -9.62 -7.01
C PRO D 148 28.35 -10.32 -6.54
N GLU D 149 27.21 -9.62 -6.57
CA GLU D 149 25.99 -10.15 -5.98
C GLU D 149 25.01 -10.60 -7.05
N GLU D 150 24.13 -11.51 -6.62
CA GLU D 150 23.03 -11.98 -7.43
C GLU D 150 21.93 -10.93 -7.49
N ASN D 151 21.60 -10.51 -8.72
CA ASN D 151 20.52 -9.57 -8.98
C ASN D 151 19.15 -10.24 -8.74
N SER D 152 18.37 -9.70 -7.79
CA SER D 152 17.04 -10.26 -7.50
C SER D 152 16.07 -10.11 -8.67
N ALA D 153 16.13 -8.95 -9.34
CA ALA D 153 15.10 -8.66 -10.32
C ALA D 153 15.31 -9.58 -11.52
N TYR D 154 16.55 -9.68 -11.99
CA TYR D 154 16.84 -10.46 -13.18
C TYR D 154 16.60 -11.94 -12.90
N GLU D 155 16.80 -12.38 -11.66
CA GLU D 155 16.69 -13.79 -11.31
C GLU D 155 15.27 -14.31 -11.61
N GLN D 156 14.24 -13.47 -11.43
CA GLN D 156 12.89 -13.88 -11.76
C GLN D 156 12.76 -14.32 -13.23
N LEU D 157 13.66 -13.82 -14.10
CA LEU D 157 13.56 -14.11 -15.52
C LEU D 157 14.53 -15.23 -15.84
N LEU D 158 15.75 -15.09 -15.32
CA LEU D 158 16.83 -15.99 -15.66
C LEU D 158 16.53 -17.38 -15.10
N SER D 159 15.81 -17.44 -13.97
CA SER D 159 15.45 -18.71 -13.37
C SER D 159 14.52 -19.49 -14.29
N ARG D 160 13.94 -18.88 -15.33
CA ARG D 160 12.89 -19.56 -16.06
C ARG D 160 13.32 -19.95 -17.48
N LEU D 161 14.59 -19.67 -17.85
CA LEU D 161 15.06 -19.92 -19.22
C LEU D 161 15.20 -21.42 -19.47
N GLU D 162 15.53 -22.18 -18.40
CA GLU D 162 15.46 -23.63 -18.40
C GLU D 162 14.20 -24.14 -19.10
N GLU D 163 13.04 -23.72 -18.62
CA GLU D 163 11.78 -24.21 -19.17
C GLU D 163 11.53 -23.87 -20.63
N ILE D 164 12.19 -22.86 -21.13
CA ILE D 164 11.97 -22.45 -22.52
C ILE D 164 13.26 -22.62 -23.33
N ALA D 165 14.03 -23.67 -23.00
CA ALA D 165 15.37 -23.86 -23.55
C ALA D 165 15.35 -23.96 -25.08
N GLU D 166 14.33 -24.63 -25.63
CA GLU D 166 14.32 -24.92 -27.06
C GLU D 166 13.65 -23.79 -27.84
N GLU D 167 14.14 -23.57 -29.05
CA GLU D 167 13.54 -22.61 -29.97
C GLU D 167 12.02 -22.81 -30.01
N GLY D 168 11.27 -21.71 -29.81
CA GLY D 168 9.84 -21.68 -30.06
C GLY D 168 9.01 -21.90 -28.79
N SER D 169 9.60 -22.41 -27.71
CA SER D 169 8.84 -22.66 -26.48
C SER D 169 8.65 -21.38 -25.67
N GLU D 170 7.61 -21.37 -24.81
CA GLU D 170 7.22 -20.21 -24.03
C GLU D 170 6.61 -20.66 -22.70
N THR D 171 6.55 -19.76 -21.70
CA THR D 171 5.96 -20.09 -20.41
C THR D 171 5.38 -18.81 -19.78
N GLN D 172 4.44 -18.96 -18.85
CA GLN D 172 3.85 -17.85 -18.13
C GLN D 172 4.64 -17.57 -16.84
N VAL D 173 4.98 -16.30 -16.59
CA VAL D 173 5.71 -15.93 -15.38
C VAL D 173 4.85 -14.96 -14.58
N PRO D 174 5.05 -14.93 -13.26
CA PRO D 174 4.28 -13.98 -12.48
C PRO D 174 4.73 -12.54 -12.72
N GLY D 175 3.85 -11.59 -12.47
CA GLY D 175 4.17 -10.19 -12.64
C GLY D 175 5.33 -9.71 -11.81
N LEU D 176 6.18 -8.88 -12.40
CA LEU D 176 7.34 -8.36 -11.71
C LEU D 176 7.43 -6.85 -11.86
N ASP D 177 8.31 -6.23 -11.12
CA ASP D 177 8.51 -4.81 -11.22
C ASP D 177 9.53 -4.59 -12.32
N ILE D 178 9.07 -4.13 -13.45
CA ILE D 178 9.89 -4.02 -14.65
C ILE D 178 10.95 -2.95 -14.43
N SER D 179 10.60 -1.89 -13.67
CA SER D 179 11.51 -0.78 -13.45
C SER D 179 12.69 -1.14 -12.57
N ALA D 180 12.59 -2.26 -11.81
CA ALA D 180 13.68 -2.83 -11.04
C ALA D 180 14.79 -3.42 -11.91
N LEU D 181 14.50 -3.65 -13.20
CA LEU D 181 15.51 -4.08 -14.17
C LEU D 181 16.42 -2.95 -14.66
N LEU D 182 16.11 -1.69 -14.33
CA LEU D 182 16.82 -0.56 -14.91
C LEU D 182 17.70 0.16 -13.90
N PRO D 183 18.71 0.93 -14.37
CA PRO D 183 19.67 1.60 -13.49
C PRO D 183 19.03 2.58 -12.53
N SER D 184 19.89 3.09 -11.65
CA SER D 184 19.49 3.96 -10.58
C SER D 184 19.01 5.33 -11.05
N ASP D 185 19.78 6.03 -11.91
CA ASP D 185 19.53 7.44 -12.17
C ASP D 185 18.82 7.67 -13.51
N PHE D 186 17.53 8.05 -13.48
CA PHE D 186 16.72 8.26 -14.69
C PHE D 186 16.96 9.65 -15.31
N SER D 187 17.93 10.35 -14.70
CA SER D 187 18.36 11.70 -15.06
C SER D 187 19.49 11.67 -16.10
N ARG D 188 20.14 10.51 -16.25
CA ARG D 188 21.45 10.43 -16.88
C ARG D 188 21.43 9.40 -18.02
N TYR D 189 21.49 9.91 -19.26
CA TYR D 189 21.36 9.07 -20.45
C TYR D 189 21.92 9.80 -21.67
N PHE D 190 22.34 8.96 -22.63
CA PHE D 190 22.54 9.38 -24.02
C PHE D 190 21.25 9.12 -24.82
N GLN D 191 21.06 9.90 -25.90
CA GLN D 191 19.90 9.74 -26.78
C GLN D 191 20.27 10.07 -28.23
N TYR D 192 19.72 9.28 -29.16
CA TYR D 192 19.88 9.52 -30.59
C TYR D 192 18.72 8.85 -31.34
N GLU D 193 18.58 9.18 -32.62
CA GLU D 193 17.57 8.59 -33.46
C GLU D 193 18.24 7.62 -34.43
N GLY D 194 17.67 6.42 -34.51
CA GLY D 194 18.27 5.31 -35.26
C GLY D 194 17.19 4.31 -35.69
N SER D 195 17.48 3.00 -35.54
CA SER D 195 16.68 1.99 -36.19
C SER D 195 16.44 0.84 -35.24
N LEU D 196 15.51 -0.04 -35.63
CA LEU D 196 15.50 -1.39 -35.08
C LEU D 196 16.82 -2.06 -35.47
N THR D 197 17.34 -2.95 -34.61
CA THR D 197 18.61 -3.62 -34.86
C THR D 197 18.38 -5.02 -35.44
N THR D 198 17.11 -5.35 -35.67
CA THR D 198 16.71 -6.56 -36.36
C THR D 198 15.84 -6.16 -37.56
N PRO D 199 15.74 -6.99 -38.63
CA PRO D 199 14.80 -6.72 -39.70
C PRO D 199 13.42 -6.58 -39.07
N PRO D 200 12.53 -5.68 -39.54
CA PRO D 200 12.76 -4.86 -40.73
C PRO D 200 13.64 -3.62 -40.70
N CYS D 201 14.39 -3.38 -39.62
CA CYS D 201 15.40 -2.33 -39.61
C CYS D 201 14.83 -0.92 -39.78
N ALA D 202 13.57 -0.72 -39.38
CA ALA D 202 12.86 0.53 -39.61
C ALA D 202 13.57 1.68 -38.87
N GLN D 203 13.63 2.87 -39.50
CA GLN D 203 14.22 4.07 -38.93
C GLN D 203 13.13 4.83 -38.16
N GLY D 204 13.50 5.99 -37.61
CA GLY D 204 12.60 6.78 -36.74
C GLY D 204 12.62 6.39 -35.23
N VAL D 205 13.49 5.47 -34.81
CA VAL D 205 13.45 4.92 -33.46
C VAL D 205 14.30 5.78 -32.55
N ILE D 206 13.71 6.29 -31.44
CA ILE D 206 14.47 7.05 -30.47
C ILE D 206 15.09 6.09 -29.47
N TRP D 207 16.41 6.12 -29.39
CA TRP D 207 17.19 5.25 -28.53
C TRP D 207 17.64 6.09 -27.34
N THR D 208 17.32 5.59 -26.15
CA THR D 208 17.80 6.23 -24.91
C THR D 208 18.67 5.19 -24.22
N VAL D 209 19.94 5.53 -24.00
CA VAL D 209 20.87 4.58 -23.39
C VAL D 209 21.32 5.14 -22.04
N PHE D 210 20.93 4.46 -20.95
CA PHE D 210 21.31 4.88 -19.60
C PHE D 210 22.83 5.00 -19.49
N GLN D 211 23.30 6.06 -18.84
CA GLN D 211 24.72 6.18 -18.56
C GLN D 211 25.18 5.10 -17.57
N GLN D 212 24.40 4.89 -16.49
CA GLN D 212 24.84 3.88 -15.53
C GLN D 212 24.27 2.52 -15.90
N THR D 213 24.90 1.50 -15.34
CA THR D 213 24.70 0.12 -15.77
C THR D 213 24.00 -0.66 -14.66
N VAL D 214 23.76 -1.94 -14.92
CA VAL D 214 23.17 -2.83 -13.96
C VAL D 214 24.06 -4.06 -13.86
N MET D 215 24.16 -4.60 -12.63
CA MET D 215 25.11 -5.66 -12.29
C MET D 215 24.39 -6.98 -12.11
N LEU D 216 24.93 -8.02 -12.78
CA LEU D 216 24.50 -9.40 -12.60
C LEU D 216 25.68 -10.24 -12.09
N SER D 217 25.38 -11.32 -11.35
CA SER D 217 26.39 -12.27 -10.92
C SER D 217 26.97 -12.96 -12.16
N ALA D 218 28.21 -13.44 -12.02
CA ALA D 218 28.83 -14.23 -13.06
C ALA D 218 27.96 -15.45 -13.40
N LYS D 219 27.39 -16.12 -12.38
CA LYS D 219 26.55 -17.30 -12.63
C LYS D 219 25.33 -16.91 -13.47
N GLN D 220 24.80 -15.69 -13.23
CA GLN D 220 23.62 -15.18 -13.91
C GLN D 220 23.88 -14.92 -15.40
N LEU D 221 24.96 -14.18 -15.69
CA LEU D 221 25.42 -13.97 -17.05
C LEU D 221 25.64 -15.30 -17.77
N HIS D 222 26.15 -16.30 -17.04
CA HIS D 222 26.35 -17.63 -17.59
C HIS D 222 25.01 -18.26 -17.96
N THR D 223 24.02 -18.22 -17.05
CA THR D 223 22.70 -18.77 -17.35
C THR D 223 22.12 -18.13 -18.62
N LEU D 224 22.36 -16.82 -18.80
CA LEU D 224 21.73 -16.06 -19.86
C LEU D 224 22.29 -16.51 -21.20
N SER D 225 23.59 -16.77 -21.25
CA SER D 225 24.25 -17.09 -22.51
C SER D 225 24.37 -18.59 -22.74
N ASP D 226 23.92 -19.44 -21.81
CA ASP D 226 24.19 -20.87 -21.91
C ASP D 226 22.92 -21.73 -21.91
N THR D 227 21.75 -21.17 -21.63
CA THR D 227 20.57 -22.00 -21.40
C THR D 227 19.72 -22.16 -22.66
N LEU D 228 19.77 -21.18 -23.59
CA LEU D 228 18.80 -21.13 -24.66
C LEU D 228 19.37 -21.72 -25.95
N TRP D 229 18.49 -22.39 -26.71
CA TRP D 229 18.84 -23.02 -27.98
C TRP D 229 18.14 -22.28 -29.12
N GLY D 230 18.91 -22.02 -30.19
CA GLY D 230 18.48 -21.20 -31.31
C GLY D 230 17.95 -22.04 -32.48
N PRO D 231 18.04 -21.55 -33.73
CA PRO D 231 17.64 -22.34 -34.89
C PRO D 231 18.82 -23.24 -35.27
N GLY D 232 18.60 -24.10 -36.26
CA GLY D 232 19.49 -25.23 -36.52
C GLY D 232 19.33 -26.25 -35.39
N ASP D 233 20.43 -26.52 -34.67
CA ASP D 233 20.33 -27.12 -33.36
C ASP D 233 21.48 -26.60 -32.49
N SER D 234 21.91 -25.35 -32.73
CA SER D 234 23.01 -24.74 -31.99
C SER D 234 22.49 -23.66 -31.04
N ARG D 235 23.41 -23.10 -30.24
CA ARG D 235 23.02 -22.33 -29.06
C ARG D 235 22.61 -20.92 -29.49
N LEU D 236 21.57 -20.40 -28.84
CA LEU D 236 21.19 -19.01 -29.01
C LEU D 236 22.18 -18.14 -28.23
N GLN D 237 23.14 -17.57 -28.97
CA GLN D 237 24.22 -16.78 -28.42
C GLN D 237 24.63 -15.69 -29.40
N LEU D 238 25.39 -14.71 -28.90
CA LEU D 238 25.97 -13.67 -29.73
C LEU D 238 24.90 -13.00 -30.59
N ASN D 239 23.75 -12.66 -29.99
CA ASN D 239 22.61 -12.13 -30.73
C ASN D 239 22.63 -10.60 -30.77
N PHE D 240 23.80 -10.01 -31.05
CA PHE D 240 23.91 -8.57 -31.23
C PHE D 240 24.22 -8.25 -32.70
N ARG D 241 23.90 -7.02 -33.12
CA ARG D 241 24.28 -6.51 -34.41
C ARG D 241 25.54 -5.67 -34.22
N ALA D 242 26.39 -5.61 -35.26
CA ALA D 242 27.57 -4.76 -35.23
C ALA D 242 27.15 -3.31 -35.27
N THR D 243 28.03 -2.43 -34.80
CA THR D 243 27.67 -1.04 -34.74
C THR D 243 27.72 -0.45 -36.13
N GLN D 244 26.99 0.66 -36.29
CA GLN D 244 26.67 1.25 -37.57
C GLN D 244 27.20 2.67 -37.53
N PRO D 245 27.58 3.25 -38.69
CA PRO D 245 28.09 4.63 -38.69
C PRO D 245 27.05 5.68 -38.31
N LEU D 246 27.48 6.76 -37.68
CA LEU D 246 26.59 7.82 -37.23
C LEU D 246 26.09 8.66 -38.41
N ASN D 247 26.91 8.80 -39.46
CA ASN D 247 26.50 9.45 -40.70
C ASN D 247 25.96 10.85 -40.48
N GLY D 248 26.68 11.64 -39.67
CA GLY D 248 26.31 13.00 -39.36
C GLY D 248 25.58 13.19 -38.02
N ARG D 249 24.94 12.14 -37.50
CA ARG D 249 24.15 12.24 -36.27
C ARG D 249 25.06 12.54 -35.09
N VAL D 250 24.60 13.40 -34.17
CA VAL D 250 25.31 13.72 -32.94
C VAL D 250 24.55 13.08 -31.78
N ILE D 251 25.20 12.21 -31.02
CA ILE D 251 24.60 11.66 -29.82
C ILE D 251 24.48 12.76 -28.78
N GLU D 252 23.30 12.89 -28.16
CA GLU D 252 23.03 13.87 -27.10
C GLU D 252 23.17 13.24 -25.70
N ALA D 253 23.48 14.07 -24.68
CA ALA D 253 23.65 13.61 -23.30
C ALA D 253 22.88 14.52 -22.36
N SER D 254 22.20 13.92 -21.37
CA SER D 254 21.39 14.65 -20.40
C SER D 254 22.25 15.30 -19.30
N PHE D 255 23.58 15.17 -19.41
CA PHE D 255 24.50 15.55 -18.35
C PHE D 255 25.78 16.06 -18.98
N PRO D 256 26.48 17.02 -18.33
CA PRO D 256 27.81 17.44 -18.77
C PRO D 256 28.92 16.46 -18.35
#